data_5U8J
#
_entry.id   5U8J
#
_cell.length_a   87.170
_cell.length_b   53.890
_cell.length_c   90.000
_cell.angle_alpha   90.00
_cell.angle_beta   100.04
_cell.angle_gamma   90.00
#
_symmetry.space_group_name_H-M   'P 1 21 1'
#
loop_
_entity.id
_entity.type
_entity.pdbx_description
1 polymer 'UPF0502 protein BFJ73_07745'
2 non-polymer 'CHLORIDE ION'
3 water water
#
_entity_poly.entity_id   1
_entity_poly.type   'polypeptide(L)'
_entity_poly.pdbx_seq_one_letter_code
;MKYQLSATEARVIGCLLEKQVTTPEQYPLSVNAVTMACNQKTNREPVMNLGEHEVQDILDELVKRHYLRTVSGFGNRVTK
YEQRFCNSEFGDLKLSAAEVAVITTLLLRGAQTPGELRTRASRMHEFADMQEVEQTLDGLATREDGPYVVRLAREPGKRE
SRYMHLFSGEVDTST
;
_entity_poly.pdbx_strand_id   A,B,C,D
#
loop_
_chem_comp.id
_chem_comp.type
_chem_comp.name
_chem_comp.formula
CL non-polymer 'CHLORIDE ION' 'Cl -1'
#
# COMPACT_ATOMS: atom_id res chain seq x y z
N MET A 1 11.41 -1.72 -4.26
CA MET A 1 11.43 -2.95 -5.05
C MET A 1 10.33 -2.94 -6.12
N LYS A 2 9.59 -4.05 -6.21
CA LYS A 2 8.46 -4.12 -7.14
C LYS A 2 7.29 -3.31 -6.62
N TYR A 3 6.92 -3.52 -5.35
CA TYR A 3 5.77 -2.87 -4.75
C TYR A 3 6.23 -1.78 -3.80
N GLN A 4 5.66 -0.59 -3.98
CA GLN A 4 5.90 0.56 -3.13
C GLN A 4 4.96 0.54 -1.92
N LEU A 5 5.54 0.62 -0.73
CA LEU A 5 4.76 0.50 0.48
C LEU A 5 4.11 1.82 0.85
N SER A 6 2.82 1.77 1.21
CA SER A 6 2.16 2.93 1.78
C SER A 6 2.67 3.16 3.20
N ALA A 7 2.20 4.25 3.81
CA ALA A 7 2.63 4.56 5.17
C ALA A 7 2.27 3.43 6.13
N THR A 8 1.03 2.92 6.05
CA THR A 8 0.61 1.84 6.93
C THR A 8 1.21 0.50 6.54
N GLU A 9 1.50 0.29 5.24
CA GLU A 9 2.14 -0.96 4.83
C GLU A 9 3.57 -1.04 5.32
N ALA A 10 4.30 0.09 5.27
CA ALA A 10 5.66 0.11 5.77
C ALA A 10 5.72 -0.15 7.27
N ARG A 11 4.67 0.25 8.00
CA ARG A 11 4.62 0.00 9.44
C ARG A 11 4.43 -1.49 9.73
N VAL A 12 3.55 -2.15 8.99
CA VAL A 12 3.33 -3.58 9.18
C VAL A 12 4.59 -4.36 8.85
N ILE A 13 5.26 -3.99 7.77
CA ILE A 13 6.53 -4.64 7.41
C ILE A 13 7.57 -4.38 8.51
N GLY A 14 7.67 -3.13 8.96
CA GLY A 14 8.63 -2.81 9.99
C GLY A 14 8.38 -3.52 11.30
N CYS A 15 7.11 -3.80 11.61
CA CYS A 15 6.79 -4.49 12.85
C CYS A 15 7.23 -5.95 12.80
N LEU A 16 6.99 -6.62 11.67
CA LEU A 16 7.39 -8.02 11.57
C LEU A 16 8.90 -8.17 11.48
N LEU A 17 9.58 -7.21 10.88
CA LEU A 17 11.05 -7.23 10.87
C LEU A 17 11.61 -7.01 12.27
N GLU A 18 11.02 -6.07 13.02
CA GLU A 18 11.51 -5.79 14.36
C GLU A 18 11.25 -6.96 15.30
N LYS A 19 10.01 -7.48 15.31
CA LYS A 19 9.65 -8.53 16.24
C LYS A 19 10.40 -9.83 15.95
N GLN A 20 10.82 -10.04 14.69
CA GLN A 20 11.59 -11.23 14.37
C GLN A 20 12.93 -11.24 15.10
N VAL A 21 13.48 -10.06 15.38
CA VAL A 21 14.76 -9.94 16.07
C VAL A 21 14.58 -9.72 17.57
N THR A 22 13.72 -8.77 17.94
CA THR A 22 13.60 -8.40 19.36
C THR A 22 12.86 -9.46 20.15
N THR A 23 11.77 -10.00 19.60
CA THR A 23 10.94 -10.99 20.29
C THR A 23 10.81 -12.24 19.44
N PRO A 24 11.87 -13.07 19.38
CA PRO A 24 11.79 -14.31 18.59
C PRO A 24 10.84 -15.33 19.17
N GLU A 25 10.54 -15.27 20.46
CA GLU A 25 9.62 -16.21 21.08
C GLU A 25 8.17 -15.98 20.69
N GLN A 26 7.86 -14.83 20.08
CA GLN A 26 6.50 -14.52 19.64
C GLN A 26 6.38 -14.48 18.13
N TYR A 27 7.46 -14.76 17.38
CA TYR A 27 7.53 -14.81 15.93
C TYR A 27 7.34 -16.25 15.45
N PRO A 28 6.50 -16.49 14.43
CA PRO A 28 5.74 -15.51 13.64
C PRO A 28 4.58 -14.86 14.41
N LEU A 29 4.16 -13.69 13.93
CA LEU A 29 3.18 -12.88 14.63
C LEU A 29 1.77 -13.20 14.18
N SER A 30 0.85 -13.27 15.14
CA SER A 30 -0.56 -13.39 14.83
C SER A 30 -1.12 -12.02 14.45
N VAL A 31 -2.41 -12.00 14.08
CA VAL A 31 -3.03 -10.74 13.67
C VAL A 31 -3.05 -9.75 14.83
N ASN A 32 -3.34 -10.23 16.05
CA ASN A 32 -3.34 -9.35 17.21
CA ASN A 32 -3.34 -9.34 17.20
C ASN A 32 -1.94 -8.82 17.50
N ALA A 33 -0.92 -9.67 17.34
CA ALA A 33 0.45 -9.23 17.62
C ALA A 33 0.90 -8.17 16.63
N VAL A 34 0.53 -8.32 15.35
CA VAL A 34 0.88 -7.29 14.37
C VAL A 34 0.16 -5.99 14.68
N THR A 35 -1.14 -6.06 15.01
CA THR A 35 -1.90 -4.86 15.35
C THR A 35 -1.31 -4.15 16.56
N MET A 36 -0.95 -4.91 17.60
CA MET A 36 -0.38 -4.30 18.80
C MET A 36 0.97 -3.66 18.49
N ALA A 37 1.80 -4.33 17.69
CA ALA A 37 3.11 -3.76 17.34
C ALA A 37 2.96 -2.51 16.49
N CYS A 38 1.91 -2.43 15.67
CA CYS A 38 1.72 -1.25 14.83
C CYS A 38 1.37 -0.02 15.66
N ASN A 39 0.61 -0.20 16.74
CA ASN A 39 0.06 0.90 17.51
C ASN A 39 0.82 1.13 18.82
N GLN A 40 2.06 0.67 18.91
CA GLN A 40 2.85 0.90 20.11
C GLN A 40 3.16 2.38 20.29
N LYS A 41 3.11 2.84 21.55
CA LYS A 41 3.45 4.22 21.86
C LYS A 41 4.95 4.48 21.81
N THR A 42 5.78 3.43 21.77
CA THR A 42 7.22 3.57 21.80
C THR A 42 7.84 2.97 20.54
N ASN A 43 8.97 3.52 20.13
CA ASN A 43 9.69 3.10 18.94
C ASN A 43 8.83 3.20 17.68
N ARG A 44 7.89 4.16 17.67
CA ARG A 44 6.98 4.34 16.56
C ARG A 44 6.82 5.82 16.29
N GLU A 45 7.13 6.24 15.05
CA GLU A 45 6.82 7.59 14.59
C GLU A 45 6.32 7.51 13.15
N PRO A 46 5.06 7.91 12.89
CA PRO A 46 4.14 8.42 13.91
C PRO A 46 3.44 7.30 14.68
N VAL A 47 2.89 7.63 15.84
CA VAL A 47 2.09 6.68 16.59
C VAL A 47 0.75 6.48 15.88
N MET A 48 0.43 5.23 15.58
CA MET A 48 -0.77 4.88 14.84
C MET A 48 -1.78 4.17 15.76
N ASN A 49 -3.00 4.03 15.24
CA ASN A 49 -4.05 3.28 15.92
C ASN A 49 -4.88 2.56 14.87
N LEU A 50 -4.23 1.70 14.10
CA LEU A 50 -4.89 0.97 13.03
C LEU A 50 -5.79 -0.12 13.62
N GLY A 51 -6.97 -0.27 13.04
CA GLY A 51 -7.88 -1.31 13.48
C GLY A 51 -7.41 -2.68 13.06
N GLU A 52 -8.06 -3.69 13.64
CA GLU A 52 -7.71 -5.07 13.32
C GLU A 52 -8.05 -5.41 11.88
N HIS A 53 -9.15 -4.86 11.37
CA HIS A 53 -9.54 -5.11 9.99
C HIS A 53 -8.58 -4.45 9.01
N GLU A 54 -8.11 -3.24 9.34
CA GLU A 54 -7.15 -2.57 8.47
C GLU A 54 -5.83 -3.34 8.40
N VAL A 55 -5.35 -3.81 9.54
CA VAL A 55 -4.10 -4.58 9.56
C VAL A 55 -4.25 -5.85 8.73
N GLN A 56 -5.40 -6.53 8.84
CA GLN A 56 -5.64 -7.74 8.06
C GLN A 56 -5.65 -7.44 6.57
N ASP A 57 -6.21 -6.30 6.18
CA ASP A 57 -6.17 -5.90 4.77
C ASP A 57 -4.74 -5.69 4.29
N ILE A 58 -3.92 -5.02 5.11
CA ILE A 58 -2.52 -4.83 4.75
C ILE A 58 -1.78 -6.16 4.75
N LEU A 59 -2.09 -7.03 5.72
CA LEU A 59 -1.51 -8.37 5.73
C LEU A 59 -1.86 -9.12 4.46
N ASP A 60 -3.12 -9.03 4.02
CA ASP A 60 -3.54 -9.69 2.79
C ASP A 60 -2.81 -9.11 1.58
N GLU A 61 -2.57 -7.81 1.59
CA GLU A 61 -1.90 -7.17 0.45
C GLU A 61 -0.44 -7.60 0.35
N LEU A 62 0.29 -7.56 1.48
CA LEU A 62 1.70 -7.92 1.46
C LEU A 62 1.92 -9.41 1.27
N VAL A 63 0.91 -10.24 1.53
CA VAL A 63 1.04 -11.67 1.28
C VAL A 63 0.99 -11.95 -0.21
N LYS A 64 -0.01 -11.39 -0.91
CA LYS A 64 -0.13 -11.62 -2.34
C LYS A 64 0.98 -10.94 -3.13
N ARG A 65 1.59 -9.89 -2.58
CA ARG A 65 2.75 -9.26 -3.18
C ARG A 65 4.06 -9.95 -2.77
N HIS A 66 3.96 -11.06 -2.03
CA HIS A 66 5.11 -11.91 -1.69
C HIS A 66 6.13 -11.17 -0.82
N TYR A 67 5.62 -10.32 0.07
CA TYR A 67 6.44 -9.74 1.13
C TYR A 67 6.24 -10.44 2.47
N LEU A 68 5.09 -11.04 2.69
CA LEU A 68 4.78 -11.83 3.87
C LEU A 68 4.32 -13.22 3.44
N ARG A 69 4.05 -14.07 4.41
CA ARG A 69 3.62 -15.44 4.11
C ARG A 69 2.81 -15.98 5.28
N THR A 70 1.74 -16.70 4.95
CA THR A 70 0.83 -17.24 5.95
C THR A 70 1.37 -18.54 6.54
N VAL A 71 1.27 -18.66 7.85
CA VAL A 71 1.62 -19.88 8.58
C VAL A 71 0.42 -20.27 9.44
N SER A 72 0.02 -21.51 9.33
CA SER A 72 -1.14 -21.92 10.04
C SER A 72 -0.94 -23.19 10.79
N GLY A 73 -1.16 -24.30 10.07
CA GLY A 73 -1.08 -25.63 10.63
C GLY A 73 -2.09 -25.74 11.74
N PHE A 74 -1.71 -26.39 12.83
CA PHE A 74 -2.61 -26.46 13.97
C PHE A 74 -1.87 -26.02 15.21
N GLY A 75 -2.62 -25.82 16.29
CA GLY A 75 -2.12 -25.17 17.48
C GLY A 75 -2.95 -23.94 17.76
N ASN A 76 -4.24 -24.16 17.96
CA ASN A 76 -5.33 -23.18 18.08
C ASN A 76 -5.69 -22.58 16.71
N ARG A 77 -5.08 -23.04 15.63
CA ARG A 77 -5.40 -22.64 14.25
C ARG A 77 -5.13 -21.16 13.98
N VAL A 78 -4.72 -20.38 15.00
CA VAL A 78 -4.50 -18.95 14.81
C VAL A 78 -3.39 -18.74 13.79
N THR A 79 -3.75 -18.12 12.67
CA THR A 79 -2.81 -17.96 11.57
C THR A 79 -1.77 -16.89 11.89
N LYS A 80 -0.50 -17.24 11.72
CA LYS A 80 0.61 -16.35 11.95
C LYS A 80 1.22 -15.90 10.63
N TYR A 81 2.07 -14.88 10.70
CA TYR A 81 2.65 -14.26 9.51
C TYR A 81 4.16 -14.12 9.69
N GLU A 82 4.90 -14.61 8.71
CA GLU A 82 6.35 -14.46 8.65
C GLU A 82 6.72 -13.43 7.59
N GLN A 83 7.98 -13.02 7.60
CA GLN A 83 8.47 -12.02 6.66
C GLN A 83 9.17 -12.73 5.49
N ARG A 84 8.67 -12.50 4.29
CA ARG A 84 9.37 -12.84 3.06
C ARG A 84 10.14 -11.65 2.51
N PHE A 85 10.19 -10.55 3.27
CA PHE A 85 10.80 -9.32 2.79
C PHE A 85 12.29 -9.50 2.52
N CYS A 86 13.04 -10.01 3.50
CA CYS A 86 14.47 -10.16 3.36
C CYS A 86 14.93 -11.51 3.92
N ASN A 87 16.06 -11.97 3.40
CA ASN A 87 16.75 -13.18 3.85
C ASN A 87 15.78 -14.34 4.07
N SER A 88 15.12 -14.73 2.98
CA SER A 88 14.37 -15.97 2.95
C SER A 88 15.18 -17.00 2.16
N GLU A 89 14.66 -18.21 2.08
CA GLU A 89 15.24 -19.19 1.17
C GLU A 89 14.98 -18.79 -0.28
N PHE A 90 13.84 -18.14 -0.52
CA PHE A 90 13.38 -17.83 -1.88
C PHE A 90 14.08 -16.60 -2.44
N GLY A 91 13.73 -15.42 -1.91
CA GLY A 91 14.02 -14.18 -2.59
C GLY A 91 15.49 -13.83 -2.66
N ASP A 92 15.76 -12.78 -3.43
CA ASP A 92 17.11 -12.29 -3.68
C ASP A 92 17.48 -11.12 -2.78
N LEU A 93 16.56 -10.63 -1.96
CA LEU A 93 16.86 -9.54 -1.04
C LEU A 93 17.63 -10.10 0.15
N LYS A 94 18.91 -9.78 0.25
CA LYS A 94 19.76 -10.22 1.33
C LYS A 94 20.22 -9.00 2.12
N LEU A 95 19.86 -8.95 3.41
CA LEU A 95 20.22 -7.85 4.29
C LEU A 95 20.93 -8.39 5.52
N SER A 96 22.08 -7.80 5.83
CA SER A 96 22.80 -8.17 7.03
C SER A 96 22.05 -7.68 8.27
N ALA A 97 22.47 -8.18 9.44
CA ALA A 97 21.85 -7.77 10.69
C ALA A 97 21.94 -6.26 10.89
N ALA A 98 23.09 -5.68 10.53
CA ALA A 98 23.25 -4.23 10.65
C ALA A 98 22.30 -3.50 9.71
N GLU A 99 22.12 -4.01 8.50
CA GLU A 99 21.22 -3.37 7.54
C GLU A 99 19.75 -3.65 7.85
N VAL A 100 19.46 -4.80 8.46
CA VAL A 100 18.09 -5.06 8.92
C VAL A 100 17.72 -4.07 10.01
N ALA A 101 18.62 -3.84 10.96
CA ALA A 101 18.33 -2.92 12.06
C ALA A 101 18.12 -1.50 11.54
N VAL A 102 18.93 -1.07 10.58
CA VAL A 102 18.81 0.28 10.04
C VAL A 102 17.52 0.42 9.23
N ILE A 103 17.23 -0.56 8.38
CA ILE A 103 16.03 -0.51 7.54
C ILE A 103 14.79 -0.52 8.42
N THR A 104 14.75 -1.39 9.42
CA THR A 104 13.57 -1.51 10.27
C THR A 104 13.31 -0.23 11.05
N THR A 105 14.37 0.40 11.58
CA THR A 105 14.18 1.61 12.38
C THR A 105 13.63 2.76 11.54
N LEU A 106 14.16 2.96 10.33
CA LEU A 106 13.60 3.98 9.45
C LEU A 106 12.20 3.63 8.98
N LEU A 107 11.90 2.33 8.82
CA LEU A 107 10.55 1.93 8.44
C LEU A 107 9.54 2.27 9.53
N LEU A 108 9.97 2.27 10.79
CA LEU A 108 9.06 2.47 11.91
C LEU A 108 9.06 3.89 12.45
N ARG A 109 10.14 4.65 12.25
CA ARG A 109 10.26 5.98 12.86
C ARG A 109 10.63 7.06 11.85
N GLY A 110 10.69 6.75 10.56
CA GLY A 110 10.90 7.76 9.56
C GLY A 110 12.34 8.19 9.41
N ALA A 111 12.52 9.39 8.86
CA ALA A 111 13.85 9.93 8.58
C ALA A 111 14.60 10.21 9.88
N GLN A 112 15.81 9.66 9.99
CA GLN A 112 16.59 9.79 11.21
C GLN A 112 18.07 9.95 10.87
N THR A 113 18.81 10.54 11.80
CA THR A 113 20.24 10.72 11.69
C THR A 113 20.99 9.45 12.09
N PRO A 114 22.24 9.29 11.65
CA PRO A 114 23.03 8.13 12.13
C PRO A 114 23.14 8.06 13.64
N GLY A 115 23.27 9.21 14.30
CA GLY A 115 23.27 9.21 15.76
C GLY A 115 21.97 8.68 16.33
N GLU A 116 20.83 9.13 15.78
CA GLU A 116 19.55 8.55 16.16
C GLU A 116 19.55 7.04 15.92
N LEU A 117 19.86 6.62 14.69
CA LEU A 117 19.84 5.19 14.36
C LEU A 117 20.84 4.39 15.18
N ARG A 118 21.93 5.00 15.62
CA ARG A 118 22.87 4.27 16.47
C ARG A 118 22.18 3.84 17.78
N THR A 119 21.34 4.71 18.32
CA THR A 119 20.66 4.40 19.57
C THR A 119 19.42 3.55 19.35
N ARG A 120 18.58 3.94 18.38
CA ARG A 120 17.28 3.30 18.21
C ARG A 120 17.33 1.98 17.47
N ALA A 121 18.46 1.63 16.85
CA ALA A 121 18.58 0.35 16.16
C ALA A 121 19.46 -0.65 16.89
N SER A 122 19.96 -0.31 18.09
CA SER A 122 20.83 -1.22 18.81
C SER A 122 20.06 -2.42 19.37
N ARG A 123 18.77 -2.22 19.53
CA ARG A 123 17.82 -3.21 20.00
C ARG A 123 17.84 -4.44 19.10
N MET A 124 18.02 -4.23 17.82
CA MET A 124 18.08 -5.27 16.80
C MET A 124 19.51 -5.59 16.36
N HIS A 125 20.45 -4.68 16.58
CA HIS A 125 21.85 -4.91 16.24
C HIS A 125 22.72 -3.84 16.89
N GLU A 126 23.54 -4.24 17.87
CA GLU A 126 24.44 -3.30 18.52
C GLU A 126 25.59 -2.96 17.58
N PHE A 127 25.68 -1.69 17.18
CA PHE A 127 26.80 -1.21 16.38
C PHE A 127 27.95 -0.84 17.30
N ALA A 128 29.15 -1.35 17.00
CA ALA A 128 30.31 -1.10 17.85
C ALA A 128 30.64 0.38 17.92
N ASP A 129 30.35 1.13 16.86
CA ASP A 129 30.61 2.56 16.80
C ASP A 129 29.53 3.21 15.94
N MET A 130 29.72 4.49 15.63
CA MET A 130 28.89 5.13 14.62
C MET A 130 29.48 4.98 13.22
N GLN A 131 30.73 4.51 13.11
CA GLN A 131 31.28 4.16 11.81
C GLN A 131 30.53 2.97 11.20
N GLU A 132 29.97 2.10 12.05
CA GLU A 132 29.19 0.97 11.54
C GLU A 132 27.87 1.44 10.95
N VAL A 133 27.14 2.29 11.68
CA VAL A 133 25.89 2.83 11.16
C VAL A 133 26.15 3.63 9.89
N GLU A 134 27.20 4.45 9.91
CA GLU A 134 27.56 5.22 8.72
C GLU A 134 27.89 4.30 7.55
N GLN A 135 28.67 3.24 7.81
CA GLN A 135 28.99 2.27 6.76
C GLN A 135 27.75 1.49 6.34
N THR A 136 26.82 1.26 7.26
CA THR A 136 25.60 0.52 6.91
C THR A 136 24.71 1.35 5.98
N LEU A 137 24.51 2.63 6.31
CA LEU A 137 23.69 3.49 5.46
C LEU A 137 24.34 3.70 4.10
N ASP A 138 25.66 3.91 4.07
CA ASP A 138 26.36 4.11 2.80
C ASP A 138 26.23 2.88 1.91
N GLY A 139 26.29 1.69 2.51
CA GLY A 139 26.16 0.48 1.71
C GLY A 139 24.80 0.37 1.04
N LEU A 140 23.73 0.56 1.81
CA LEU A 140 22.38 0.39 1.28
C LEU A 140 22.03 1.39 0.18
N ALA A 141 22.77 2.50 0.08
CA ALA A 141 22.56 3.46 -0.98
C ALA A 141 23.45 3.20 -2.20
N THR A 142 24.40 2.27 -2.09
CA THR A 142 25.36 2.02 -3.15
C THR A 142 25.12 0.71 -3.90
N ARG A 143 24.45 -0.26 -3.27
CA ARG A 143 24.25 -1.57 -3.88
C ARG A 143 23.64 -1.46 -5.26
N GLU A 144 24.21 -2.22 -6.21
CA GLU A 144 23.51 -2.47 -7.47
C GLU A 144 22.18 -3.16 -7.21
N ASP A 145 22.07 -3.87 -6.08
CA ASP A 145 20.81 -4.37 -5.57
C ASP A 145 19.73 -3.28 -5.56
N GLY A 146 20.15 -2.02 -5.45
CA GLY A 146 19.26 -0.88 -5.55
C GLY A 146 19.50 0.10 -4.43
N PRO A 147 19.16 1.38 -4.65
CA PRO A 147 19.23 2.35 -3.55
C PRO A 147 18.10 2.12 -2.56
N TYR A 148 18.45 1.69 -1.34
CA TYR A 148 17.45 1.39 -0.32
C TYR A 148 17.29 2.51 0.70
N VAL A 149 18.27 3.39 0.84
CA VAL A 149 18.18 4.54 1.72
C VAL A 149 18.64 5.76 0.94
N VAL A 150 17.96 6.88 1.19
CA VAL A 150 18.39 8.18 0.67
C VAL A 150 18.81 9.03 1.86
N ARG A 151 19.76 9.92 1.63
CA ARG A 151 20.16 10.89 2.63
C ARG A 151 19.60 12.24 2.23
N LEU A 152 18.73 12.79 3.08
CA LEU A 152 18.04 14.03 2.75
C LEU A 152 19.00 15.21 2.81
N ALA A 153 18.56 16.32 2.22
CA ALA A 153 19.32 17.56 2.31
C ALA A 153 19.45 17.97 3.77
N ARG A 154 20.68 18.24 4.20
CA ARG A 154 20.95 18.57 5.59
C ARG A 154 20.35 19.92 5.95
N GLU A 155 19.73 19.82 7.13
CA GLU A 155 18.96 20.81 7.86
C GLU A 155 19.90 21.92 8.14
N PRO A 156 19.34 23.11 8.28
CA PRO A 156 20.12 24.25 8.75
C PRO A 156 20.30 24.14 10.24
N GLY A 157 21.56 24.19 10.62
CA GLY A 157 21.98 24.15 11.99
C GLY A 157 21.82 22.80 12.61
N LYS A 158 21.54 21.82 11.75
CA LYS A 158 21.30 20.47 12.20
C LYS A 158 22.44 19.68 12.84
N ARG A 159 23.63 19.73 12.24
CA ARG A 159 24.95 19.12 12.58
C ARG A 159 25.20 17.72 12.04
N GLU A 160 24.14 17.09 11.63
CA GLU A 160 24.15 15.75 11.08
C GLU A 160 23.03 15.69 10.12
N SER A 161 23.13 14.82 9.17
CA SER A 161 22.11 14.72 8.14
C SER A 161 21.23 13.49 8.40
N ARG A 162 20.04 13.50 7.81
CA ARG A 162 19.06 12.45 8.03
C ARG A 162 18.99 11.51 6.83
N TYR A 163 18.64 10.26 7.11
CA TYR A 163 18.48 9.24 6.09
C TYR A 163 17.06 8.69 6.13
N MET A 164 16.56 8.29 4.95
CA MET A 164 15.21 7.76 4.84
C MET A 164 15.21 6.57 3.89
N HIS A 165 14.40 5.56 4.23
CA HIS A 165 14.30 4.38 3.38
C HIS A 165 13.59 4.72 2.08
N LEU A 166 13.77 3.84 1.09
CA LEU A 166 13.21 4.06 -0.25
C LEU A 166 12.23 2.97 -0.65
N PHE A 167 11.66 2.24 0.32
CA PHE A 167 10.61 1.28 0.04
C PHE A 167 9.25 1.93 -0.09
N SER A 168 9.17 3.25 0.12
CA SER A 168 7.93 3.99 -0.07
C SER A 168 8.12 5.16 -1.03
N GLY A 169 9.22 5.19 -1.79
CA GLY A 169 9.41 6.14 -2.86
C GLY A 169 10.43 7.21 -2.53
N GLU A 170 10.41 8.26 -3.32
CA GLU A 170 11.25 9.43 -3.07
C GLU A 170 10.51 10.41 -2.18
N VAL A 171 11.28 11.14 -1.38
CA VAL A 171 10.72 12.10 -0.44
C VAL A 171 10.26 13.36 -1.17
N MET B 1 5.38 1.81 -11.85
CA MET B 1 4.64 2.92 -12.42
C MET B 1 4.05 3.78 -11.31
N LYS B 2 4.65 4.95 -11.10
CA LYS B 2 4.21 5.93 -10.09
C LYS B 2 4.25 5.21 -8.73
N TYR B 3 3.25 5.41 -7.88
CA TYR B 3 2.97 4.51 -6.78
C TYR B 3 1.99 3.46 -7.26
N GLN B 4 2.25 2.20 -6.92
CA GLN B 4 1.36 1.10 -7.30
C GLN B 4 0.27 0.97 -6.24
N LEU B 5 -0.96 1.29 -6.62
CA LEU B 5 -2.06 1.27 -5.67
C LEU B 5 -2.29 -0.13 -5.13
N SER B 6 -2.65 -0.21 -3.85
CA SER B 6 -3.01 -1.48 -3.25
C SER B 6 -4.41 -1.89 -3.71
N ALA B 7 -4.89 -3.02 -3.19
CA ALA B 7 -6.26 -3.43 -3.47
C ALA B 7 -7.26 -2.43 -2.90
N THR B 8 -7.02 -1.97 -1.66
CA THR B 8 -7.91 -0.98 -1.06
C THR B 8 -7.65 0.42 -1.58
N GLU B 9 -6.42 0.71 -2.02
CA GLU B 9 -6.14 2.01 -2.62
C GLU B 9 -6.80 2.14 -3.99
N ALA B 10 -6.73 1.10 -4.80
CA ALA B 10 -7.36 1.13 -6.10
C ALA B 10 -8.89 1.19 -5.98
N ARG B 11 -9.43 0.62 -4.90
CA ARG B 11 -10.88 0.72 -4.68
C ARG B 11 -11.30 2.15 -4.40
N VAL B 12 -10.54 2.86 -3.56
CA VAL B 12 -10.89 4.24 -3.24
C VAL B 12 -10.76 5.13 -4.48
N ILE B 13 -9.68 4.95 -5.26
CA ILE B 13 -9.52 5.73 -6.48
C ILE B 13 -10.66 5.46 -7.45
N GLY B 14 -11.00 4.18 -7.63
CA GLY B 14 -12.11 3.85 -8.51
C GLY B 14 -13.44 4.37 -8.03
N CYS B 15 -13.63 4.43 -6.71
CA CYS B 15 -14.89 4.95 -6.17
C CYS B 15 -15.04 6.44 -6.43
N LEU B 16 -13.94 7.20 -6.32
CA LEU B 16 -14.00 8.64 -6.57
C LEU B 16 -14.12 8.93 -8.07
N LEU B 17 -13.49 8.11 -8.91
CA LEU B 17 -13.67 8.27 -10.35
C LEU B 17 -15.10 7.94 -10.77
N GLU B 18 -15.71 6.94 -10.13
CA GLU B 18 -17.05 6.51 -10.51
C GLU B 18 -18.10 7.56 -10.15
N LYS B 19 -18.12 8.00 -8.88
CA LYS B 19 -19.17 8.91 -8.44
C LYS B 19 -19.05 10.28 -9.09
N GLN B 20 -17.84 10.67 -9.49
CA GLN B 20 -17.67 11.95 -10.19
C GLN B 20 -18.48 12.00 -11.48
N VAL B 21 -18.65 10.85 -12.13
CA VAL B 21 -19.42 10.78 -13.37
C VAL B 21 -20.86 10.34 -13.12
N THR B 22 -21.05 9.34 -12.26
CA THR B 22 -22.38 8.74 -12.11
C THR B 22 -23.33 9.66 -11.36
N THR B 23 -22.89 10.21 -10.23
CA THR B 23 -23.69 11.12 -9.42
C THR B 23 -22.87 12.38 -9.15
N PRO B 24 -22.86 13.34 -10.08
CA PRO B 24 -22.07 14.56 -9.84
C PRO B 24 -22.64 15.45 -8.76
N GLU B 25 -23.90 15.24 -8.36
CA GLU B 25 -24.50 16.05 -7.30
C GLU B 25 -23.96 15.70 -5.92
N GLN B 26 -23.16 14.65 -5.80
CA GLN B 26 -22.57 14.25 -4.53
C GLN B 26 -21.05 14.30 -4.54
N TYR B 27 -20.43 14.69 -5.66
CA TYR B 27 -19.00 14.84 -5.80
C TYR B 27 -18.60 16.29 -5.50
N PRO B 28 -17.59 16.53 -4.65
CA PRO B 28 -16.68 15.56 -4.03
C PRO B 28 -17.28 14.78 -2.86
N LEU B 29 -16.66 13.65 -2.55
CA LEU B 29 -17.19 12.72 -1.55
C LEU B 29 -16.59 12.98 -0.18
N SER B 30 -17.41 12.77 0.85
CA SER B 30 -16.95 12.78 2.22
C SER B 30 -16.27 11.45 2.56
N VAL B 31 -15.61 11.42 3.72
CA VAL B 31 -15.00 10.17 4.17
C VAL B 31 -16.07 9.09 4.39
N ASN B 32 -17.27 9.50 4.78
CA ASN B 32 -18.37 8.55 4.88
C ASN B 32 -18.83 8.09 3.50
N ALA B 33 -18.95 9.03 2.57
CA ALA B 33 -19.40 8.68 1.22
C ALA B 33 -18.39 7.79 0.51
N VAL B 34 -17.10 7.97 0.78
CA VAL B 34 -16.09 7.10 0.21
C VAL B 34 -16.20 5.70 0.82
N THR B 35 -16.40 5.63 2.14
CA THR B 35 -16.53 4.34 2.80
C THR B 35 -17.67 3.52 2.20
N MET B 36 -18.80 4.16 1.92
CA MET B 36 -19.96 3.44 1.42
C MET B 36 -19.74 2.96 -0.01
N ALA B 37 -19.21 3.82 -0.88
CA ALA B 37 -18.90 3.38 -2.25
C ALA B 37 -17.90 2.24 -2.25
N CYS B 38 -16.99 2.20 -1.26
CA CYS B 38 -16.03 1.11 -1.18
C CYS B 38 -16.72 -0.20 -0.81
N ASN B 39 -17.59 -0.17 0.20
CA ASN B 39 -18.22 -1.37 0.72
C ASN B 39 -19.53 -1.73 0.02
N GLN B 40 -19.80 -1.13 -1.15
CA GLN B 40 -20.99 -1.47 -1.89
C GLN B 40 -20.98 -2.94 -2.29
N LYS B 41 -22.17 -3.54 -2.37
CA LYS B 41 -22.31 -4.93 -2.75
C LYS B 41 -22.56 -5.12 -4.24
N THR B 42 -22.75 -4.04 -4.99
CA THR B 42 -22.95 -4.11 -6.43
C THR B 42 -21.84 -3.35 -7.14
N ASN B 43 -21.47 -3.83 -8.33
CA ASN B 43 -20.40 -3.26 -9.14
C ASN B 43 -19.07 -3.23 -8.37
N ARG B 44 -18.87 -4.21 -7.50
CA ARG B 44 -17.66 -4.28 -6.68
C ARG B 44 -17.17 -5.72 -6.64
N GLU B 45 -15.95 -5.94 -7.11
CA GLU B 45 -15.29 -7.24 -7.00
C GLU B 45 -13.83 -7.02 -6.62
N PRO B 46 -13.40 -7.47 -5.43
CA PRO B 46 -14.25 -8.19 -4.48
C PRO B 46 -15.08 -7.27 -3.59
N VAL B 47 -16.04 -7.85 -2.87
CA VAL B 47 -16.81 -7.10 -1.89
C VAL B 47 -15.93 -6.82 -0.68
N MET B 48 -15.81 -5.55 -0.32
CA MET B 48 -14.99 -5.13 0.81
C MET B 48 -15.87 -4.59 1.93
N ASN B 49 -15.28 -4.52 3.13
CA ASN B 49 -15.93 -3.92 4.28
C ASN B 49 -14.84 -3.10 4.98
N LEU B 50 -14.57 -1.93 4.42
CA LEU B 50 -13.54 -1.04 4.94
C LEU B 50 -14.07 -0.28 6.15
N GLY B 51 -13.27 -0.27 7.22
CA GLY B 51 -13.55 0.63 8.32
C GLY B 51 -13.23 2.07 7.95
N GLU B 52 -13.96 2.99 8.56
CA GLU B 52 -13.75 4.39 8.25
C GLU B 52 -12.35 4.85 8.63
N HIS B 53 -11.75 4.24 9.66
CA HIS B 53 -10.38 4.54 10.00
C HIS B 53 -9.43 4.16 8.87
N GLU B 54 -9.68 3.02 8.22
CA GLU B 54 -8.83 2.59 7.11
C GLU B 54 -9.05 3.47 5.89
N VAL B 55 -10.31 3.77 5.56
CA VAL B 55 -10.60 4.67 4.44
C VAL B 55 -9.90 6.00 4.63
N GLN B 56 -9.97 6.55 5.85
CA GLN B 56 -9.26 7.79 6.14
C GLN B 56 -7.76 7.63 5.95
N ASP B 57 -7.21 6.49 6.37
CA ASP B 57 -5.79 6.23 6.16
C ASP B 57 -5.46 6.15 4.67
N ILE B 58 -6.33 5.54 3.88
CA ILE B 58 -6.11 5.46 2.44
C ILE B 58 -6.21 6.84 1.81
N LEU B 59 -7.20 7.63 2.22
CA LEU B 59 -7.37 8.96 1.66
C LEU B 59 -6.16 9.84 1.95
N ASP B 60 -5.62 9.76 3.16
CA ASP B 60 -4.45 10.57 3.51
C ASP B 60 -3.22 10.14 2.72
N GLU B 61 -3.10 8.86 2.38
CA GLU B 61 -1.97 8.40 1.59
C GLU B 61 -2.08 8.90 0.15
N LEU B 62 -3.27 8.81 -0.43
CA LEU B 62 -3.46 9.26 -1.81
C LEU B 62 -3.34 10.77 -1.93
N VAL B 63 -3.81 11.51 -0.92
CA VAL B 63 -3.63 12.96 -0.91
C VAL B 63 -2.15 13.31 -0.81
N LYS B 64 -1.42 12.62 0.08
CA LYS B 64 0.01 12.83 0.20
C LYS B 64 0.73 12.57 -1.12
N ARG B 65 0.23 11.63 -1.92
CA ARG B 65 0.81 11.32 -3.22
C ARG B 65 0.13 12.06 -4.36
N HIS B 66 -0.73 13.03 -4.05
CA HIS B 66 -1.34 13.92 -5.02
C HIS B 66 -2.25 13.20 -6.00
N TYR B 67 -2.75 12.01 -5.63
CA TYR B 67 -3.82 11.40 -6.40
C TYR B 67 -5.17 12.02 -6.05
N LEU B 68 -5.29 12.57 -4.85
CA LEU B 68 -6.51 13.24 -4.42
C LEU B 68 -6.15 14.65 -3.95
N ARG B 69 -7.20 15.40 -3.63
CA ARG B 69 -7.08 16.75 -3.10
C ARG B 69 -8.17 16.94 -2.06
N THR B 70 -7.79 17.45 -0.89
CA THR B 70 -8.75 17.70 0.17
C THR B 70 -9.42 19.06 -0.03
N VAL B 71 -10.74 19.10 0.17
CA VAL B 71 -11.51 20.33 0.17
C VAL B 71 -12.01 20.54 1.59
N SER B 72 -11.42 21.51 2.29
CA SER B 72 -11.63 21.66 3.73
C SER B 72 -13.05 22.12 4.04
N GLY B 73 -13.39 22.08 5.34
CA GLY B 73 -14.75 22.25 5.80
C GLY B 73 -15.00 23.54 6.57
N ARG B 77 -19.91 21.49 8.03
CA ARG B 77 -19.51 20.86 6.75
C ARG B 77 -18.25 19.95 6.73
N VAL B 78 -18.44 18.72 6.29
CA VAL B 78 -17.41 17.68 6.31
C VAL B 78 -16.28 18.04 5.35
N THR B 79 -15.14 17.38 5.55
CA THR B 79 -14.04 17.45 4.60
C THR B 79 -14.34 16.50 3.43
N LYS B 80 -14.32 17.05 2.22
CA LYS B 80 -14.62 16.29 1.03
C LYS B 80 -13.37 16.10 0.18
N TYR B 81 -13.40 15.07 -0.66
CA TYR B 81 -12.23 14.62 -1.41
C TYR B 81 -12.53 14.62 -2.90
N GLU B 82 -11.75 15.36 -3.66
CA GLU B 82 -11.80 15.34 -5.11
C GLU B 82 -10.72 14.42 -5.66
N GLN B 83 -10.94 13.91 -6.86
CA GLN B 83 -9.95 13.07 -7.53
C GLN B 83 -9.01 13.95 -8.35
N ARG B 84 -7.71 13.77 -8.13
CA ARG B 84 -6.67 14.38 -8.96
C ARG B 84 -5.92 13.31 -9.74
N PHE B 85 -6.52 12.14 -9.91
CA PHE B 85 -5.84 11.03 -10.56
C PHE B 85 -5.74 11.24 -12.06
N CYS B 86 -6.77 11.84 -12.67
CA CYS B 86 -6.80 12.04 -14.11
C CYS B 86 -7.51 13.34 -14.44
N ASN B 87 -7.25 13.83 -15.67
CA ASN B 87 -7.93 15.01 -16.22
C ASN B 87 -7.77 16.22 -15.32
N SER B 88 -6.65 16.32 -14.63
CA SER B 88 -6.31 17.48 -13.83
C SER B 88 -5.31 18.35 -14.58
N GLU B 89 -5.38 19.65 -14.33
CA GLU B 89 -4.35 20.55 -14.84
C GLU B 89 -3.07 20.49 -14.01
N PHE B 90 -3.12 19.82 -12.85
CA PHE B 90 -1.94 19.61 -12.03
C PHE B 90 -1.03 18.54 -12.63
N GLY B 91 -1.56 17.31 -12.73
CA GLY B 91 -0.77 16.19 -13.22
C GLY B 91 -0.82 16.03 -14.72
N ASP B 92 0.01 15.10 -15.21
CA ASP B 92 0.18 14.86 -16.65
C ASP B 92 -0.53 13.60 -17.11
N LEU B 93 -1.72 13.32 -16.59
CA LEU B 93 -2.51 12.16 -16.99
C LEU B 93 -3.85 12.64 -17.53
N LYS B 94 -4.12 12.33 -18.80
CA LYS B 94 -5.36 12.69 -19.46
C LYS B 94 -6.04 11.43 -19.96
N LEU B 95 -7.35 11.35 -19.76
CA LEU B 95 -8.13 10.18 -20.14
C LEU B 95 -9.39 10.59 -20.89
N SER B 96 -9.79 9.77 -21.85
CA SER B 96 -11.06 9.94 -22.52
C SER B 96 -12.21 9.77 -21.53
N ALA B 97 -13.41 10.14 -21.97
CA ALA B 97 -14.60 9.73 -21.23
C ALA B 97 -14.77 8.22 -21.30
N ALA B 98 -14.48 7.63 -22.46
CA ALA B 98 -14.49 6.18 -22.60
C ALA B 98 -13.35 5.53 -21.84
N GLU B 99 -12.19 6.19 -21.78
CA GLU B 99 -11.06 5.65 -21.04
C GLU B 99 -11.32 5.69 -19.54
N VAL B 100 -11.90 6.79 -19.04
CA VAL B 100 -12.27 6.86 -17.63
C VAL B 100 -13.25 5.75 -17.28
N ALA B 101 -14.25 5.52 -18.14
CA ALA B 101 -15.23 4.47 -17.87
C ALA B 101 -14.57 3.10 -17.87
N VAL B 102 -13.64 2.87 -18.81
CA VAL B 102 -12.97 1.57 -18.88
C VAL B 102 -12.04 1.39 -17.68
N ILE B 103 -11.25 2.42 -17.37
CA ILE B 103 -10.28 2.31 -16.28
C ILE B 103 -10.99 2.15 -14.94
N THR B 104 -12.05 2.93 -14.71
CA THR B 104 -12.75 2.87 -13.44
C THR B 104 -13.39 1.51 -13.22
N THR B 105 -14.02 0.95 -14.26
CA THR B 105 -14.65 -0.35 -14.14
C THR B 105 -13.63 -1.45 -13.87
N LEU B 106 -12.42 -1.32 -14.45
CA LEU B 106 -11.38 -2.29 -14.16
C LEU B 106 -10.87 -2.17 -12.73
N LEU B 107 -10.85 -0.95 -12.18
CA LEU B 107 -10.40 -0.77 -10.81
C LEU B 107 -11.37 -1.37 -9.81
N LEU B 108 -12.67 -1.31 -10.11
CA LEU B 108 -13.70 -1.70 -9.15
C LEU B 108 -14.04 -3.18 -9.19
N ARG B 109 -13.90 -3.83 -10.35
CA ARG B 109 -14.37 -5.20 -10.50
C ARG B 109 -13.31 -6.20 -10.93
N GLY B 110 -12.12 -5.76 -11.31
CA GLY B 110 -11.04 -6.69 -11.62
C GLY B 110 -10.93 -6.99 -13.10
N ALA B 111 -10.23 -8.08 -13.39
CA ALA B 111 -9.97 -8.48 -14.78
C ALA B 111 -11.28 -8.81 -15.48
N GLN B 112 -11.53 -8.13 -16.60
CA GLN B 112 -12.80 -8.25 -17.31
C GLN B 112 -12.56 -8.32 -18.81
N THR B 113 -13.48 -8.97 -19.49
CA THR B 113 -13.46 -9.03 -20.94
C THR B 113 -14.00 -7.73 -21.53
N PRO B 114 -13.65 -7.41 -22.78
CA PRO B 114 -14.25 -6.23 -23.41
C PRO B 114 -15.77 -6.33 -23.52
N GLY B 115 -16.31 -7.54 -23.63
CA GLY B 115 -17.76 -7.69 -23.63
C GLY B 115 -18.37 -7.37 -22.29
N GLU B 116 -17.70 -7.74 -21.20
CA GLU B 116 -18.17 -7.37 -19.87
C GLU B 116 -18.00 -5.89 -19.62
N LEU B 117 -16.91 -5.31 -20.14
CA LEU B 117 -16.67 -3.88 -19.95
C LEU B 117 -17.70 -3.03 -20.68
N ARG B 118 -18.17 -3.50 -21.85
CA ARG B 118 -19.18 -2.75 -22.59
C ARG B 118 -20.47 -2.62 -21.80
N THR B 119 -20.81 -3.66 -21.03
CA THR B 119 -22.04 -3.65 -20.25
C THR B 119 -21.89 -2.83 -18.97
N ARG B 120 -20.82 -3.08 -18.22
CA ARG B 120 -20.69 -2.51 -16.88
C ARG B 120 -20.18 -1.08 -16.88
N ALA B 121 -19.49 -0.64 -17.93
CA ALA B 121 -18.99 0.72 -17.99
C ALA B 121 -19.94 1.68 -18.69
N SER B 122 -21.13 1.23 -19.08
CA SER B 122 -22.09 2.11 -19.75
C SER B 122 -22.64 3.18 -18.82
N ARG B 123 -22.63 2.94 -17.51
CA ARG B 123 -23.10 3.95 -16.56
C ARG B 123 -22.22 5.18 -16.55
N MET B 124 -20.95 5.06 -16.94
CA MET B 124 -20.04 6.19 -16.99
C MET B 124 -19.81 6.72 -18.39
N HIS B 125 -20.00 5.89 -19.42
CA HIS B 125 -19.90 6.33 -20.80
C HIS B 125 -20.52 5.26 -21.68
N GLU B 126 -21.58 5.60 -22.41
CA GLU B 126 -22.23 4.65 -23.29
C GLU B 126 -21.36 4.39 -24.51
N PHE B 127 -21.02 3.12 -24.75
CA PHE B 127 -20.26 2.73 -25.93
C PHE B 127 -21.23 2.34 -27.04
N ALA B 128 -21.00 2.90 -28.23
CA ALA B 128 -21.91 2.64 -29.35
C ALA B 128 -21.89 1.18 -29.76
N ASP B 129 -20.69 0.60 -29.85
CA ASP B 129 -20.54 -0.81 -30.16
C ASP B 129 -19.40 -1.35 -29.29
N MET B 130 -18.98 -2.60 -29.56
CA MET B 130 -17.86 -3.16 -28.83
C MET B 130 -16.51 -2.82 -29.44
N GLN B 131 -16.50 -2.12 -30.58
CA GLN B 131 -15.24 -1.66 -31.17
C GLN B 131 -14.66 -0.52 -30.38
N GLU B 132 -15.51 0.43 -29.97
CA GLU B 132 -15.06 1.51 -29.11
C GLU B 132 -14.44 0.96 -27.83
N VAL B 133 -15.03 -0.09 -27.27
CA VAL B 133 -14.47 -0.72 -26.07
C VAL B 133 -13.08 -1.27 -26.36
N GLU B 134 -12.92 -1.97 -27.49
CA GLU B 134 -11.65 -2.63 -27.76
C GLU B 134 -10.56 -1.62 -28.15
N GLN B 135 -10.91 -0.57 -28.88
CA GLN B 135 -9.91 0.37 -29.34
C GLN B 135 -9.56 1.43 -28.31
N THR B 136 -10.43 1.67 -27.32
CA THR B 136 -9.98 2.42 -26.15
C THR B 136 -9.05 1.55 -25.29
N LEU B 137 -9.36 0.25 -25.18
CA LEU B 137 -8.44 -0.67 -24.53
C LEU B 137 -7.13 -0.76 -25.29
N ASP B 138 -7.20 -0.85 -26.62
CA ASP B 138 -5.99 -0.81 -27.44
C ASP B 138 -5.27 0.51 -27.26
N GLY B 139 -6.01 1.61 -27.19
CA GLY B 139 -5.40 2.91 -26.96
C GLY B 139 -4.67 2.98 -25.64
N LEU B 140 -5.27 2.43 -24.58
CA LEU B 140 -4.67 2.51 -23.25
C LEU B 140 -3.39 1.69 -23.13
N ALA B 141 -3.19 0.71 -24.01
CA ALA B 141 -1.95 -0.05 -24.01
C ALA B 141 -0.94 0.47 -25.03
N THR B 142 -1.38 1.21 -26.04
CA THR B 142 -0.49 1.69 -27.10
C THR B 142 0.16 3.03 -26.80
N ARG B 143 -0.45 3.83 -25.92
CA ARG B 143 -0.09 5.24 -25.82
C ARG B 143 1.29 5.44 -25.19
N GLU B 144 1.91 6.55 -25.56
CA GLU B 144 3.26 6.87 -25.11
C GLU B 144 3.31 7.17 -23.62
N ASP B 145 2.19 7.60 -23.03
CA ASP B 145 2.11 7.85 -21.60
C ASP B 145 2.50 6.61 -20.79
N GLY B 146 2.47 5.44 -21.41
CA GLY B 146 2.74 4.19 -20.74
C GLY B 146 1.66 3.20 -21.04
N PRO B 147 1.82 1.97 -20.59
CA PRO B 147 0.72 1.01 -20.68
C PRO B 147 -0.20 1.15 -19.49
N TYR B 148 -1.50 1.38 -19.74
CA TYR B 148 -2.47 1.53 -18.67
C TYR B 148 -3.35 0.31 -18.48
N VAL B 149 -3.46 -0.55 -19.49
CA VAL B 149 -4.14 -1.84 -19.37
C VAL B 149 -3.24 -2.89 -19.99
N VAL B 150 -3.48 -4.14 -19.62
CA VAL B 150 -2.76 -5.28 -20.18
C VAL B 150 -3.78 -6.27 -20.71
N ARG B 151 -3.50 -6.82 -21.89
CA ARG B 151 -4.33 -7.90 -22.45
C ARG B 151 -3.82 -9.20 -21.86
N LEU B 152 -4.52 -9.70 -20.85
CA LEU B 152 -4.12 -10.94 -20.20
C LEU B 152 -4.19 -12.10 -21.17
N ALA B 153 -3.39 -13.14 -20.89
CA ALA B 153 -3.42 -14.34 -21.70
C ALA B 153 -4.82 -14.95 -21.67
N ARG B 154 -5.22 -15.53 -22.79
CA ARG B 154 -6.58 -16.07 -22.91
C ARG B 154 -6.78 -17.22 -21.92
N GLU B 155 -7.91 -17.19 -21.22
CA GLU B 155 -8.21 -18.22 -20.25
C GLU B 155 -8.43 -19.57 -20.95
N PRO B 156 -8.03 -20.68 -20.31
CA PRO B 156 -8.27 -21.99 -20.90
C PRO B 156 -9.74 -22.36 -20.93
N GLY B 157 -10.32 -22.42 -22.13
CA GLY B 157 -11.74 -22.67 -22.31
C GLY B 157 -12.56 -21.45 -22.66
N LYS B 158 -11.98 -20.26 -22.57
CA LYS B 158 -12.67 -19.03 -22.95
C LYS B 158 -12.16 -18.53 -24.29
N ARG B 159 -13.05 -17.83 -25.00
CA ARG B 159 -12.78 -17.28 -26.33
C ARG B 159 -12.23 -15.86 -26.29
N GLU B 160 -12.82 -15.00 -25.47
CA GLU B 160 -12.35 -13.62 -25.34
CA GLU B 160 -12.36 -13.61 -25.33
C GLU B 160 -11.34 -13.50 -24.21
N SER B 161 -10.35 -12.63 -24.39
CA SER B 161 -9.33 -12.41 -23.39
C SER B 161 -9.75 -11.26 -22.47
N ARG B 162 -9.29 -11.31 -21.23
CA ARG B 162 -9.61 -10.29 -20.25
C ARG B 162 -8.54 -9.21 -20.23
N TYR B 163 -8.91 -8.05 -19.69
CA TYR B 163 -8.02 -6.92 -19.53
C TYR B 163 -7.96 -6.52 -18.06
N MET B 164 -6.83 -5.97 -17.65
CA MET B 164 -6.61 -5.56 -16.27
C MET B 164 -5.78 -4.29 -16.26
N HIS B 165 -6.16 -3.36 -15.37
CA HIS B 165 -5.41 -2.12 -15.24
C HIS B 165 -4.02 -2.38 -14.66
N LEU B 166 -3.10 -1.46 -14.93
CA LEU B 166 -1.73 -1.60 -14.46
C LEU B 166 -1.42 -0.74 -13.25
N PHE B 167 -2.39 0.01 -12.73
CA PHE B 167 -2.15 0.95 -11.64
C PHE B 167 -1.87 0.27 -10.31
N SER B 168 -2.01 -1.06 -10.22
CA SER B 168 -1.66 -1.82 -9.03
C SER B 168 -0.51 -2.76 -9.31
N GLY B 169 0.50 -2.28 -10.03
CA GLY B 169 1.54 -3.14 -10.53
C GLY B 169 1.02 -3.97 -11.70
N GLU B 170 1.78 -5.01 -12.03
CA GLU B 170 1.40 -5.93 -13.09
C GLU B 170 0.86 -7.22 -12.48
N VAL B 171 -0.04 -7.87 -13.22
CA VAL B 171 -0.72 -9.05 -12.72
C VAL B 171 0.28 -10.17 -12.45
N ASP B 172 0.12 -10.83 -11.30
CA ASP B 172 0.87 -12.02 -10.99
C ASP B 172 0.07 -13.26 -11.40
N THR B 173 0.73 -14.41 -11.42
CA THR B 173 0.09 -15.66 -11.80
C THR B 173 0.57 -16.81 -10.91
N LYS C 2 14.70 -34.56 26.06
CA LYS C 2 15.98 -34.18 26.64
C LYS C 2 17.07 -35.15 26.21
N TYR C 3 17.83 -34.76 25.18
CA TYR C 3 18.91 -35.56 24.62
C TYR C 3 20.21 -34.78 24.81
N GLN C 4 21.06 -35.24 25.73
CA GLN C 4 22.29 -34.54 26.03
C GLN C 4 23.20 -34.50 24.83
N LEU C 5 23.76 -33.32 24.56
CA LEU C 5 24.60 -33.11 23.38
C LEU C 5 26.05 -33.44 23.68
N SER C 6 26.74 -33.96 22.67
CA SER C 6 28.17 -34.16 22.79
C SER C 6 28.88 -32.80 22.75
N ALA C 7 30.21 -32.85 22.86
CA ALA C 7 30.99 -31.62 22.73
C ALA C 7 30.85 -31.02 21.34
N THR C 8 30.82 -31.88 20.32
CA THR C 8 30.70 -31.39 18.94
C THR C 8 29.26 -31.10 18.56
N GLU C 9 28.29 -31.81 19.15
CA GLU C 9 26.89 -31.52 18.87
C GLU C 9 26.49 -30.13 19.37
N ALA C 10 26.90 -29.79 20.60
CA ALA C 10 26.59 -28.48 21.15
C ALA C 10 27.24 -27.37 20.35
N ARG C 11 28.40 -27.64 19.75
CA ARG C 11 29.06 -26.64 18.90
C ARG C 11 28.25 -26.38 17.64
N VAL C 12 27.73 -27.44 17.01
CA VAL C 12 26.99 -27.27 15.76
C VAL C 12 25.70 -26.49 16.00
N ILE C 13 24.98 -26.82 17.08
CA ILE C 13 23.74 -26.11 17.39
C ILE C 13 24.04 -24.66 17.74
N GLY C 14 25.09 -24.41 18.52
CA GLY C 14 25.47 -23.05 18.85
C GLY C 14 25.80 -22.22 17.62
N CYS C 15 26.37 -22.84 16.59
CA CYS C 15 26.67 -22.12 15.36
C CYS C 15 25.39 -21.74 14.62
N LEU C 16 24.45 -22.68 14.49
CA LEU C 16 23.20 -22.38 13.82
C LEU C 16 22.38 -21.36 14.61
N LEU C 17 22.44 -21.42 15.94
CA LEU C 17 21.80 -20.39 16.75
C LEU C 17 22.47 -19.04 16.57
N GLU C 18 23.80 -19.03 16.44
CA GLU C 18 24.53 -17.77 16.40
C GLU C 18 24.29 -17.02 15.09
N LYS C 19 24.58 -17.66 13.95
CA LYS C 19 24.50 -16.99 12.67
C LYS C 19 23.06 -16.77 12.19
N GLN C 20 22.07 -17.41 12.82
CA GLN C 20 20.69 -17.02 12.54
C GLN C 20 20.44 -15.58 12.97
N VAL C 21 21.11 -15.14 14.04
CA VAL C 21 20.98 -13.77 14.52
C VAL C 21 22.05 -12.87 13.92
N THR C 22 23.31 -13.31 13.95
CA THR C 22 24.41 -12.44 13.56
C THR C 22 24.48 -12.27 12.04
N THR C 23 24.27 -13.34 11.29
CA THR C 23 24.33 -13.31 9.83
C THR C 23 23.05 -13.88 9.24
N PRO C 24 21.94 -13.16 9.33
CA PRO C 24 20.70 -13.65 8.69
C PRO C 24 20.81 -13.75 7.18
N GLU C 25 21.77 -13.06 6.57
CA GLU C 25 21.98 -13.14 5.13
C GLU C 25 22.47 -14.51 4.69
N GLN C 26 22.99 -15.32 5.62
CA GLN C 26 23.52 -16.64 5.30
C GLN C 26 22.74 -17.77 5.96
N TYR C 27 21.56 -17.49 6.51
CA TYR C 27 20.70 -18.48 7.14
C TYR C 27 19.56 -18.83 6.21
N PRO C 28 19.27 -20.12 5.97
CA PRO C 28 19.89 -21.32 6.54
C PRO C 28 21.33 -21.55 6.06
N LEU C 29 22.13 -22.23 6.88
CA LEU C 29 23.52 -22.46 6.57
C LEU C 29 23.70 -23.77 5.80
N SER C 30 24.69 -23.78 4.91
CA SER C 30 25.07 -24.99 4.21
C SER C 30 26.01 -25.82 5.08
N VAL C 31 26.31 -27.04 4.60
CA VAL C 31 27.21 -27.92 5.33
C VAL C 31 28.58 -27.27 5.50
N ASN C 32 29.05 -26.59 4.44
CA ASN C 32 30.31 -25.86 4.55
C ASN C 32 30.19 -24.67 5.48
N ALA C 33 29.04 -23.99 5.46
CA ALA C 33 28.82 -22.88 6.37
C ALA C 33 28.80 -23.35 7.82
N VAL C 34 28.20 -24.51 8.08
CA VAL C 34 28.25 -25.09 9.42
C VAL C 34 29.68 -25.48 9.78
N THR C 35 30.42 -26.03 8.82
CA THR C 35 31.80 -26.44 9.08
C THR C 35 32.68 -25.25 9.44
N MET C 36 32.58 -24.17 8.65
CA MET C 36 33.38 -22.98 8.93
C MET C 36 32.99 -22.38 10.28
N ALA C 37 31.69 -22.36 10.59
CA ALA C 37 31.24 -21.80 11.86
C ALA C 37 31.71 -22.62 13.05
N CYS C 38 31.89 -23.93 12.86
CA CYS C 38 32.38 -24.76 13.95
C CYS C 38 33.86 -24.53 14.23
N ASN C 39 34.64 -24.30 13.18
CA ASN C 39 36.10 -24.20 13.28
C ASN C 39 36.60 -22.77 13.24
N GLN C 40 35.81 -21.82 13.72
CA GLN C 40 36.25 -20.43 13.73
C GLN C 40 37.38 -20.24 14.74
N LYS C 41 38.24 -19.25 14.46
CA LYS C 41 39.31 -18.93 15.38
C LYS C 41 38.84 -18.04 16.52
N THR C 42 37.78 -17.26 16.30
CA THR C 42 37.27 -16.32 17.29
C THR C 42 35.87 -16.72 17.72
N ASN C 43 35.48 -16.23 18.90
CA ASN C 43 34.17 -16.50 19.50
C ASN C 43 33.94 -17.99 19.74
N ARG C 44 35.02 -18.74 19.92
CA ARG C 44 34.94 -20.19 20.11
C ARG C 44 35.88 -20.61 21.23
N GLU C 45 35.36 -21.43 22.15
CA GLU C 45 36.18 -22.02 23.21
C GLU C 45 35.71 -23.45 23.47
N PRO C 46 36.51 -24.46 23.10
CA PRO C 46 37.81 -24.28 22.46
C PRO C 46 37.72 -24.20 20.94
N VAL C 47 38.83 -23.85 20.29
CA VAL C 47 38.90 -23.88 18.84
C VAL C 47 38.95 -25.34 18.38
N MET C 48 38.09 -25.69 17.43
CA MET C 48 38.04 -27.04 16.89
C MET C 48 38.41 -27.02 15.41
N ASN C 49 38.66 -28.23 14.90
CA ASN C 49 38.98 -28.44 13.49
C ASN C 49 38.17 -29.64 12.99
N LEU C 50 36.85 -29.51 13.03
CA LEU C 50 35.97 -30.60 12.66
C LEU C 50 36.00 -30.84 11.15
N GLY C 51 36.06 -32.10 10.75
CA GLY C 51 35.93 -32.44 9.36
C GLY C 51 34.50 -32.24 8.86
N GLU C 52 34.39 -32.11 7.53
CA GLU C 52 33.06 -31.91 6.94
C GLU C 52 32.19 -33.15 7.12
N HIS C 53 32.79 -34.35 7.01
CA HIS C 53 32.02 -35.57 7.21
C HIS C 53 31.55 -35.69 8.65
N GLU C 54 32.40 -35.29 9.61
CA GLU C 54 31.98 -35.29 11.00
C GLU C 54 30.83 -34.33 11.23
N VAL C 55 30.91 -33.13 10.65
CA VAL C 55 29.81 -32.18 10.75
C VAL C 55 28.55 -32.74 10.15
N GLN C 56 28.66 -33.38 8.97
CA GLN C 56 27.49 -33.94 8.32
C GLN C 56 26.82 -35.00 9.19
N ASP C 57 27.61 -35.85 9.85
CA ASP C 57 27.05 -36.86 10.72
C ASP C 57 26.33 -36.21 11.91
N ILE C 58 26.93 -35.17 12.49
CA ILE C 58 26.27 -34.44 13.57
C ILE C 58 24.97 -33.80 13.07
N LEU C 59 24.99 -33.30 11.83
CA LEU C 59 23.78 -32.72 11.26
C LEU C 59 22.68 -33.77 11.10
N ASP C 60 23.05 -34.96 10.63
CA ASP C 60 22.06 -36.02 10.47
C ASP C 60 21.48 -36.45 11.81
N GLU C 61 22.33 -36.57 12.83
CA GLU C 61 21.85 -36.94 14.16
C GLU C 61 20.91 -35.89 14.72
N LEU C 62 21.34 -34.62 14.72
CA LEU C 62 20.52 -33.55 15.28
C LEU C 62 19.21 -33.39 14.51
N VAL C 63 19.22 -33.67 13.20
CA VAL C 63 17.98 -33.63 12.43
C VAL C 63 17.06 -34.76 12.85
N LYS C 64 17.61 -35.96 13.05
CA LYS C 64 16.78 -37.09 13.49
C LYS C 64 16.29 -36.90 14.91
N ARG C 65 17.05 -36.19 15.74
CA ARG C 65 16.60 -35.84 17.09
C ARG C 65 15.70 -34.62 17.11
N HIS C 66 15.36 -34.07 15.93
CA HIS C 66 14.43 -32.94 15.80
C HIS C 66 14.98 -31.68 16.47
N TYR C 67 16.30 -31.53 16.49
CA TYR C 67 16.91 -30.27 16.89
C TYR C 67 17.17 -29.36 15.70
N LEU C 68 17.27 -29.91 14.49
CA LEU C 68 17.45 -29.17 13.26
C LEU C 68 16.49 -29.72 12.20
N ARG C 69 16.36 -28.98 11.11
CA ARG C 69 15.61 -29.46 9.95
C ARG C 69 16.36 -29.08 8.69
N THR C 70 15.99 -29.73 7.59
CA THR C 70 16.64 -29.53 6.31
C THR C 70 15.74 -28.70 5.40
N VAL C 71 16.35 -27.81 4.63
CA VAL C 71 15.69 -27.08 3.55
C VAL C 71 16.24 -27.63 2.25
N SER C 72 15.37 -28.27 1.46
CA SER C 72 15.81 -29.15 0.37
C SER C 72 15.78 -28.49 -1.00
N GLY C 73 14.77 -27.70 -1.32
CA GLY C 73 14.54 -27.25 -2.68
C GLY C 73 15.59 -26.35 -3.31
N PHE C 74 16.84 -26.45 -2.88
CA PHE C 74 17.90 -25.64 -3.46
C PHE C 74 18.43 -26.28 -4.74
N GLY C 75 19.15 -25.47 -5.52
CA GLY C 75 19.67 -25.95 -6.80
C GLY C 75 20.75 -27.00 -6.62
N ASN C 76 20.80 -27.91 -7.59
CA ASN C 76 21.77 -29.02 -7.58
C ASN C 76 21.65 -29.87 -6.33
N ARG C 77 20.42 -30.03 -5.83
CA ARG C 77 20.12 -30.88 -4.68
C ARG C 77 20.88 -30.46 -3.42
N VAL C 78 21.26 -29.18 -3.33
CA VAL C 78 21.96 -28.68 -2.16
C VAL C 78 20.98 -28.57 -1.00
N THR C 79 21.42 -28.98 0.19
CA THR C 79 20.58 -28.95 1.39
C THR C 79 21.20 -28.02 2.42
N LYS C 80 20.39 -27.10 2.94
CA LYS C 80 20.80 -26.24 4.04
C LYS C 80 19.98 -26.57 5.28
N TYR C 81 20.46 -26.10 6.42
CA TYR C 81 19.96 -26.53 7.72
C TYR C 81 19.46 -25.34 8.52
N GLU C 82 18.28 -25.49 9.10
CA GLU C 82 17.73 -24.55 10.07
C GLU C 82 17.75 -25.19 11.45
N GLN C 83 17.52 -24.37 12.47
CA GLN C 83 17.46 -24.84 13.84
C GLN C 83 16.00 -24.89 14.31
N ARG C 84 15.62 -26.01 14.90
CA ARG C 84 14.34 -26.13 15.60
C ARG C 84 14.53 -26.27 17.10
N PHE C 85 15.74 -26.01 17.59
CA PHE C 85 16.03 -26.16 19.01
C PHE C 85 15.19 -25.19 19.84
N CYS C 86 14.97 -23.97 19.34
CA CYS C 86 14.23 -22.97 20.08
C CYS C 86 13.32 -22.20 19.14
N ASN C 87 12.20 -21.71 19.71
CA ASN C 87 11.29 -20.79 19.03
C ASN C 87 10.86 -21.32 17.67
N SER C 88 10.16 -22.45 17.70
CA SER C 88 9.74 -23.13 16.48
C SER C 88 8.22 -23.27 16.48
N GLU C 89 7.73 -23.93 15.43
CA GLU C 89 6.30 -24.18 15.32
C GLU C 89 5.81 -25.09 16.44
N PHE C 90 6.34 -26.31 16.49
CA PHE C 90 5.88 -27.33 17.42
C PHE C 90 6.81 -27.53 18.61
N GLY C 91 7.94 -26.83 18.66
CA GLY C 91 8.85 -26.98 19.77
C GLY C 91 8.29 -26.35 21.04
N ASP C 92 8.44 -27.06 22.15
CA ASP C 92 7.96 -26.57 23.43
C ASP C 92 8.90 -25.55 24.06
N LEU C 93 10.14 -25.47 23.57
CA LEU C 93 11.14 -24.59 24.16
C LEU C 93 11.03 -23.20 23.54
N LYS C 94 10.74 -22.20 24.37
CA LYS C 94 10.60 -20.82 23.93
C LYS C 94 11.55 -19.94 24.73
N LEU C 95 12.46 -19.25 24.02
CA LEU C 95 13.49 -18.42 24.61
C LEU C 95 13.46 -17.02 24.03
N SER C 96 13.69 -16.03 24.90
CA SER C 96 13.77 -14.64 24.45
C SER C 96 15.07 -14.41 23.69
N ALA C 97 15.17 -13.23 23.07
CA ALA C 97 16.41 -12.86 22.39
C ALA C 97 17.58 -12.81 23.37
N ALA C 98 17.32 -12.32 24.58
CA ALA C 98 18.36 -12.32 25.61
C ALA C 98 18.72 -13.74 26.04
N GLU C 99 17.72 -14.60 26.20
CA GLU C 99 17.99 -15.99 26.58
C GLU C 99 18.71 -16.73 25.47
N VAL C 100 18.32 -16.49 24.21
CA VAL C 100 19.02 -17.11 23.08
C VAL C 100 20.47 -16.65 23.05
N ALA C 101 20.72 -15.37 23.37
CA ALA C 101 22.07 -14.83 23.30
C ALA C 101 23.00 -15.51 24.30
N VAL C 102 22.57 -15.61 25.57
CA VAL C 102 23.45 -16.16 26.60
C VAL C 102 23.56 -17.67 26.46
N ILE C 103 22.52 -18.34 25.96
CA ILE C 103 22.59 -19.78 25.77
C ILE C 103 23.54 -20.11 24.62
N THR C 104 23.40 -19.39 23.50
CA THR C 104 24.30 -19.61 22.37
C THR C 104 25.75 -19.33 22.74
N THR C 105 25.98 -18.27 23.52
CA THR C 105 27.35 -17.92 23.90
C THR C 105 27.93 -18.96 24.86
N LEU C 106 27.10 -19.49 25.77
CA LEU C 106 27.57 -20.55 26.67
C LEU C 106 27.84 -21.83 25.90
N LEU C 107 27.08 -22.10 24.84
CA LEU C 107 27.32 -23.30 24.04
C LEU C 107 28.66 -23.24 23.30
N LEU C 108 29.00 -22.06 22.77
CA LEU C 108 30.16 -21.95 21.90
C LEU C 108 31.46 -21.75 22.68
N ARG C 109 31.40 -21.14 23.87
CA ARG C 109 32.62 -20.77 24.59
C ARG C 109 32.66 -21.30 26.03
N GLY C 110 31.67 -22.08 26.45
CA GLY C 110 31.76 -22.73 27.74
C GLY C 110 31.35 -21.85 28.91
N ALA C 111 31.80 -22.25 30.10
CA ALA C 111 31.40 -21.58 31.33
C ALA C 111 31.98 -20.18 31.39
N GLN C 112 31.11 -19.20 31.64
CA GLN C 112 31.49 -17.80 31.63
C GLN C 112 30.77 -17.05 32.75
N THR C 113 31.33 -15.92 33.13
CA THR C 113 30.73 -15.06 34.14
C THR C 113 29.69 -14.14 33.47
N PRO C 114 28.76 -13.58 34.25
CA PRO C 114 27.83 -12.60 33.67
C PRO C 114 28.54 -11.38 33.12
N GLY C 115 29.70 -11.02 33.65
CA GLY C 115 30.42 -9.87 33.14
C GLY C 115 30.88 -10.07 31.70
N GLU C 116 31.53 -11.20 31.43
CA GLU C 116 31.97 -11.47 30.06
C GLU C 116 30.80 -11.88 29.16
N LEU C 117 29.76 -12.48 29.73
CA LEU C 117 28.57 -12.78 28.94
C LEU C 117 27.91 -11.51 28.41
N ARG C 118 27.96 -10.42 29.19
CA ARG C 118 27.39 -9.16 28.73
C ARG C 118 28.11 -8.65 27.50
N THR C 119 29.43 -8.85 27.42
CA THR C 119 30.20 -8.34 26.29
C THR C 119 30.17 -9.31 25.12
N ARG C 120 30.24 -10.62 25.37
CA ARG C 120 30.36 -11.58 24.28
C ARG C 120 28.99 -11.89 23.65
N ALA C 121 27.93 -11.93 24.45
CA ALA C 121 26.60 -12.18 23.91
C ALA C 121 25.93 -10.94 23.36
N SER C 122 26.60 -9.78 23.38
CA SER C 122 26.02 -8.56 22.86
C SER C 122 25.86 -8.60 21.34
N ARG C 123 26.65 -9.42 20.64
CA ARG C 123 26.50 -9.55 19.20
C ARG C 123 25.15 -10.12 18.81
N MET C 124 24.50 -10.87 19.71
CA MET C 124 23.21 -11.47 19.45
C MET C 124 22.06 -10.71 20.10
N HIS C 125 22.30 -10.08 21.24
CA HIS C 125 21.31 -9.20 21.86
C HIS C 125 22.05 -8.23 22.76
N GLU C 126 21.81 -6.93 22.56
CA GLU C 126 22.47 -5.92 23.37
C GLU C 126 21.89 -5.91 24.79
N PHE C 127 22.76 -6.03 25.78
CA PHE C 127 22.38 -5.98 27.18
C PHE C 127 22.67 -4.60 27.74
N ALA C 128 21.66 -3.98 28.34
CA ALA C 128 21.83 -2.63 28.88
C ALA C 128 22.87 -2.60 29.99
N ASP C 129 22.84 -3.59 30.88
CA ASP C 129 23.79 -3.65 31.99
C ASP C 129 24.04 -5.10 32.35
N MET C 130 24.93 -5.31 33.32
CA MET C 130 25.22 -6.67 33.79
C MET C 130 24.04 -7.24 34.57
N GLN C 131 23.24 -6.39 35.21
CA GLN C 131 22.07 -6.86 35.94
C GLN C 131 21.09 -7.58 35.03
N GLU C 132 20.96 -7.10 33.78
CA GLU C 132 20.07 -7.76 32.83
C GLU C 132 20.57 -9.16 32.46
N VAL C 133 21.89 -9.37 32.49
CA VAL C 133 22.44 -10.68 32.16
C VAL C 133 22.08 -11.70 33.22
N GLU C 134 22.18 -11.33 34.50
CA GLU C 134 21.83 -12.27 35.56
C GLU C 134 20.33 -12.46 35.66
N GLN C 135 19.54 -11.42 35.35
CA GLN C 135 18.10 -11.62 35.21
C GLN C 135 17.81 -12.62 34.10
N THR C 136 18.60 -12.59 33.03
CA THR C 136 18.47 -13.60 31.98
C THR C 136 18.97 -14.96 32.49
N LEU C 137 20.04 -14.96 33.28
CA LEU C 137 20.58 -16.22 33.79
C LEU C 137 19.69 -16.83 34.85
N ASP C 138 19.26 -16.02 35.84
CA ASP C 138 18.39 -16.54 36.88
CA ASP C 138 18.39 -16.54 36.88
C ASP C 138 17.07 -17.03 36.32
N GLY C 139 16.54 -16.34 35.31
CA GLY C 139 15.29 -16.77 34.70
C GLY C 139 15.42 -18.13 34.04
N LEU C 140 16.58 -18.42 33.44
CA LEU C 140 16.77 -19.70 32.77
C LEU C 140 17.02 -20.84 33.75
N ALA C 141 17.46 -20.53 34.98
CA ALA C 141 17.66 -21.55 36.00
C ALA C 141 16.40 -21.86 36.79
N THR C 142 15.42 -20.94 36.78
CA THR C 142 14.23 -21.09 37.62
C THR C 142 12.97 -21.40 36.83
N ARG C 143 13.01 -21.34 35.50
CA ARG C 143 11.80 -21.58 34.72
C ARG C 143 11.34 -23.02 34.86
N GLU C 144 10.02 -23.22 34.77
CA GLU C 144 9.43 -24.52 35.07
C GLU C 144 9.85 -25.60 34.07
N ASP C 145 10.09 -25.22 32.82
CA ASP C 145 10.44 -26.23 31.81
C ASP C 145 11.85 -26.77 31.98
N GLY C 146 12.48 -26.55 33.14
CA GLY C 146 13.76 -27.15 33.42
C GLY C 146 14.87 -26.12 33.55
N PRO C 147 15.84 -26.39 34.40
CA PRO C 147 17.03 -25.53 34.45
C PRO C 147 17.87 -25.70 33.20
N TYR C 148 18.18 -24.58 32.55
CA TYR C 148 19.07 -24.58 31.39
C TYR C 148 20.44 -24.01 31.72
N VAL C 149 20.59 -23.36 32.87
CA VAL C 149 21.87 -22.86 33.34
C VAL C 149 22.10 -23.37 34.76
N VAL C 150 23.36 -23.47 35.13
CA VAL C 150 23.76 -23.79 36.50
C VAL C 150 24.90 -22.88 36.89
N ARG C 151 24.73 -22.19 38.01
CA ARG C 151 25.79 -21.34 38.56
C ARG C 151 26.83 -22.23 39.23
N LEU C 152 28.04 -22.26 38.69
CA LEU C 152 29.11 -23.04 39.29
C LEU C 152 29.60 -22.37 40.57
N ALA C 153 30.21 -23.18 41.43
CA ALA C 153 30.83 -22.64 42.63
C ALA C 153 31.99 -21.72 42.27
N ARG C 154 32.11 -20.62 43.00
CA ARG C 154 33.14 -19.63 42.68
C ARG C 154 34.52 -20.21 42.98
N GLU C 155 35.37 -20.26 41.94
CA GLU C 155 36.73 -20.74 42.12
C GLU C 155 37.50 -19.78 43.02
N PRO C 156 38.56 -20.27 43.68
CA PRO C 156 39.26 -19.43 44.67
C PRO C 156 39.86 -18.19 44.04
N GLY C 157 39.61 -17.04 44.69
CA GLY C 157 40.24 -15.78 44.34
C GLY C 157 39.43 -14.90 43.40
N LYS C 158 38.58 -15.49 42.56
CA LYS C 158 37.89 -14.71 41.54
C LYS C 158 36.66 -14.03 42.12
N ARG C 159 36.28 -12.91 41.49
CA ARG C 159 35.23 -12.05 42.03
C ARG C 159 33.83 -12.59 41.76
N GLU C 160 33.51 -12.88 40.50
CA GLU C 160 32.19 -13.36 40.12
C GLU C 160 32.23 -14.83 39.77
N SER C 161 31.05 -15.45 39.78
CA SER C 161 30.92 -16.87 39.50
C SER C 161 30.61 -17.10 38.02
N ARG C 162 30.94 -18.31 37.57
CA ARG C 162 30.72 -18.70 36.18
C ARG C 162 29.42 -19.48 36.05
N TYR C 163 28.81 -19.39 34.88
CA TYR C 163 27.58 -20.09 34.56
C TYR C 163 27.83 -21.07 33.42
N MET C 164 27.15 -22.22 33.47
CA MET C 164 27.30 -23.26 32.47
C MET C 164 25.93 -23.73 32.01
N HIS C 165 25.82 -24.03 30.71
CA HIS C 165 24.57 -24.54 30.17
C HIS C 165 24.39 -26.01 30.58
N LEU C 166 23.15 -26.50 30.41
CA LEU C 166 22.79 -27.84 30.85
C LEU C 166 22.30 -28.72 29.72
N PHE C 167 22.49 -28.33 28.46
CA PHE C 167 22.07 -29.16 27.34
C PHE C 167 23.04 -30.31 27.08
N SER C 168 24.25 -30.24 27.62
CA SER C 168 25.20 -31.34 27.56
C SER C 168 25.19 -32.17 28.85
N GLY C 169 24.12 -32.06 29.64
CA GLY C 169 24.01 -32.80 30.88
C GLY C 169 24.63 -32.07 32.05
N GLU C 170 24.16 -32.43 33.25
CA GLU C 170 24.71 -31.86 34.48
C GLU C 170 26.09 -32.43 34.76
N VAL C 171 27.14 -31.74 34.29
CA VAL C 171 28.51 -32.17 34.51
C VAL C 171 28.81 -32.14 36.00
N ASP C 172 28.74 -33.31 36.65
CA ASP C 172 28.93 -33.40 38.08
C ASP C 172 29.59 -34.72 38.46
N MET D 1 -33.43 31.07 -11.53
CA MET D 1 -33.04 31.71 -10.27
C MET D 1 -33.14 33.23 -10.38
N LYS D 2 -32.02 33.92 -10.21
CA LYS D 2 -31.99 35.37 -10.27
C LYS D 2 -31.76 35.87 -11.69
N TYR D 3 -30.66 35.46 -12.31
CA TYR D 3 -30.30 35.93 -13.63
C TYR D 3 -31.02 35.15 -14.71
N GLN D 4 -31.34 35.84 -15.80
CA GLN D 4 -32.01 35.27 -16.96
C GLN D 4 -31.02 35.17 -18.10
N LEU D 5 -30.72 33.94 -18.53
CA LEU D 5 -29.74 33.73 -19.58
C LEU D 5 -30.29 34.19 -20.93
N SER D 6 -29.46 34.89 -21.69
CA SER D 6 -29.80 35.20 -23.06
C SER D 6 -29.61 33.97 -23.93
N ALA D 7 -30.11 34.04 -25.17
CA ALA D 7 -29.91 32.95 -26.11
C ALA D 7 -28.43 32.68 -26.33
N THR D 8 -27.63 33.75 -26.34
CA THR D 8 -26.19 33.62 -26.50
C THR D 8 -25.53 33.16 -25.20
N GLU D 9 -26.01 33.65 -24.05
CA GLU D 9 -25.46 33.22 -22.78
C GLU D 9 -25.81 31.77 -22.48
N ALA D 10 -27.04 31.34 -22.80
CA ALA D 10 -27.43 29.96 -22.57
C ALA D 10 -26.61 29.00 -23.42
N ARG D 11 -26.15 29.45 -24.59
CA ARG D 11 -25.29 28.61 -25.42
C ARG D 11 -23.94 28.40 -24.78
N VAL D 12 -23.37 29.45 -24.18
CA VAL D 12 -22.06 29.32 -23.53
C VAL D 12 -22.16 28.41 -22.32
N ILE D 13 -23.20 28.57 -21.51
CA ILE D 13 -23.38 27.74 -20.33
C ILE D 13 -23.54 26.27 -20.74
N GLY D 14 -24.39 26.02 -21.74
CA GLY D 14 -24.61 24.64 -22.17
C GLY D 14 -23.38 23.99 -22.75
N CYS D 15 -22.49 24.78 -23.36
CA CYS D 15 -21.29 24.23 -23.97
C CYS D 15 -20.32 23.71 -22.91
N LEU D 16 -20.16 24.45 -21.82
CA LEU D 16 -19.25 24.00 -20.77
C LEU D 16 -19.85 22.86 -19.96
N LEU D 17 -21.18 22.83 -19.80
CA LEU D 17 -21.82 21.67 -19.19
C LEU D 17 -21.60 20.42 -20.04
N GLU D 18 -21.68 20.56 -21.36
CA GLU D 18 -21.54 19.41 -22.24
C GLU D 18 -20.10 18.92 -22.29
N LYS D 19 -19.15 19.82 -22.49
CA LYS D 19 -17.75 19.44 -22.61
C LYS D 19 -17.18 18.90 -21.31
N GLN D 20 -17.77 19.25 -20.17
CA GLN D 20 -17.30 18.69 -18.91
C GLN D 20 -17.56 17.18 -18.83
N VAL D 21 -18.64 16.71 -19.44
CA VAL D 21 -18.98 15.30 -19.43
C VAL D 21 -18.49 14.59 -20.69
N THR D 22 -18.68 15.22 -21.86
CA THR D 22 -18.33 14.57 -23.12
C THR D 22 -16.82 14.41 -23.26
N THR D 23 -16.06 15.49 -23.04
CA THR D 23 -14.61 15.49 -23.18
C THR D 23 -13.99 15.95 -21.86
N PRO D 24 -13.90 15.06 -20.87
CA PRO D 24 -13.29 15.47 -19.59
C PRO D 24 -11.81 15.76 -19.69
N GLU D 25 -11.12 15.23 -20.71
CA GLU D 25 -9.69 15.48 -20.89
C GLU D 25 -9.39 16.90 -21.38
N GLN D 26 -10.40 17.62 -21.86
CA GLN D 26 -10.21 18.98 -22.37
C GLN D 26 -11.00 20.01 -21.56
N TYR D 27 -11.39 19.66 -20.33
CA TYR D 27 -12.08 20.54 -19.41
C TYR D 27 -11.17 20.88 -18.23
N PRO D 28 -11.11 22.15 -17.79
CA PRO D 28 -11.85 23.33 -18.27
C PRO D 28 -11.50 23.77 -19.69
N LEU D 29 -12.32 24.65 -20.25
CA LEU D 29 -12.20 25.06 -21.64
C LEU D 29 -11.59 26.45 -21.74
N SER D 30 -10.74 26.65 -22.75
CA SER D 30 -10.22 27.96 -23.06
C SER D 30 -11.24 28.77 -23.85
N VAL D 31 -10.95 30.06 -24.03
CA VAL D 31 -11.87 30.93 -24.76
C VAL D 31 -12.03 30.47 -26.20
N ASN D 32 -10.93 30.03 -26.82
CA ASN D 32 -11.02 29.46 -28.16
C ASN D 32 -11.77 28.14 -28.16
N ALA D 33 -11.66 27.37 -27.07
CA ALA D 33 -12.40 26.12 -26.97
C ALA D 33 -13.89 26.38 -26.78
N VAL D 34 -14.24 27.43 -26.04
CA VAL D 34 -15.65 27.80 -25.88
C VAL D 34 -16.21 28.32 -27.20
N THR D 35 -15.45 29.20 -27.88
CA THR D 35 -15.89 29.73 -29.15
C THR D 35 -16.15 28.61 -30.16
N MET D 36 -15.18 27.69 -30.31
CA MET D 36 -15.39 26.54 -31.18
C MET D 36 -16.63 25.75 -30.76
N ALA D 37 -16.85 25.61 -29.45
CA ALA D 37 -17.96 24.81 -28.97
C ALA D 37 -19.31 25.45 -29.28
N CYS D 38 -19.38 26.78 -29.22
CA CYS D 38 -20.65 27.45 -29.52
C CYS D 38 -21.00 27.34 -31.00
N ASN D 39 -20.00 27.41 -31.88
CA ASN D 39 -20.22 27.47 -33.32
C ASN D 39 -20.14 26.09 -33.98
N GLN D 40 -20.40 25.01 -33.24
CA GLN D 40 -20.36 23.69 -33.82
C GLN D 40 -21.59 23.43 -34.69
N LYS D 41 -21.39 22.66 -35.75
CA LYS D 41 -22.48 22.33 -36.66
C LYS D 41 -23.29 21.12 -36.22
N THR D 42 -22.92 20.49 -35.11
CA THR D 42 -23.58 19.28 -34.63
C THR D 42 -24.02 19.46 -33.19
N ASN D 43 -25.15 18.85 -32.84
CA ASN D 43 -25.74 18.94 -31.51
C ASN D 43 -26.01 20.39 -31.10
N ARG D 44 -26.26 21.25 -32.07
CA ARG D 44 -26.51 22.67 -31.84
C ARG D 44 -27.75 23.10 -32.60
N GLU D 45 -28.70 23.71 -31.88
CA GLU D 45 -29.92 24.24 -32.47
C GLU D 45 -30.28 25.53 -31.77
N PRO D 46 -30.10 26.69 -32.40
CA PRO D 46 -29.59 26.86 -33.77
C PRO D 46 -28.06 26.87 -33.87
N VAL D 47 -27.55 26.86 -35.11
CA VAL D 47 -26.11 26.94 -35.34
C VAL D 47 -25.69 28.41 -35.32
N MET D 48 -24.75 28.73 -34.45
CA MET D 48 -24.29 30.11 -34.25
C MET D 48 -22.90 30.29 -34.84
N ASN D 49 -22.51 31.56 -34.95
CA ASN D 49 -21.18 31.94 -35.43
C ASN D 49 -20.69 33.14 -34.60
N LEU D 50 -20.55 32.92 -33.30
CA LEU D 50 -20.19 33.99 -32.38
C LEU D 50 -18.71 34.33 -32.50
N GLY D 51 -18.39 35.62 -32.56
CA GLY D 51 -17.01 36.04 -32.61
C GLY D 51 -16.30 35.81 -31.29
N GLU D 52 -14.96 35.80 -31.37
CA GLU D 52 -14.15 35.56 -30.17
C GLU D 52 -14.30 36.68 -29.15
N HIS D 53 -14.31 37.94 -29.62
CA HIS D 53 -14.53 39.06 -28.72
C HIS D 53 -15.89 38.95 -28.05
N GLU D 54 -16.90 38.48 -28.78
CA GLU D 54 -18.23 38.32 -28.20
C GLU D 54 -18.21 37.33 -27.06
N VAL D 55 -17.69 36.11 -27.31
CA VAL D 55 -17.73 35.04 -26.33
C VAL D 55 -16.93 35.40 -25.09
N GLN D 56 -15.82 36.12 -25.28
CA GLN D 56 -15.08 36.61 -24.12
C GLN D 56 -15.93 37.54 -23.27
N ASP D 57 -16.84 38.29 -23.89
CA ASP D 57 -17.71 39.17 -23.12
C ASP D 57 -18.80 38.41 -22.39
N ILE D 58 -19.26 37.28 -22.96
CA ILE D 58 -20.20 36.43 -22.24
C ILE D 58 -19.50 35.74 -21.08
N LEU D 59 -18.28 35.25 -21.30
CA LEU D 59 -17.52 34.62 -20.23
C LEU D 59 -17.27 35.61 -19.10
N ASP D 60 -16.95 36.87 -19.43
CA ASP D 60 -16.69 37.86 -18.39
C ASP D 60 -17.96 38.18 -17.60
N GLU D 61 -19.11 38.20 -18.28
CA GLU D 61 -20.37 38.48 -17.59
C GLU D 61 -20.82 37.29 -16.77
N LEU D 62 -20.76 36.09 -17.34
CA LEU D 62 -21.15 34.89 -16.61
C LEU D 62 -20.24 34.62 -15.43
N VAL D 63 -19.00 35.09 -15.47
CA VAL D 63 -18.12 34.97 -14.31
C VAL D 63 -18.52 36.00 -13.25
N LYS D 64 -18.91 37.20 -13.67
CA LYS D 64 -19.34 38.22 -12.73
C LYS D 64 -20.59 37.77 -11.96
N ARG D 65 -21.51 37.08 -12.63
CA ARG D 65 -22.71 36.58 -12.00
C ARG D 65 -22.54 35.18 -11.42
N HIS D 66 -21.30 34.74 -11.21
CA HIS D 66 -20.99 33.50 -10.50
C HIS D 66 -21.55 32.27 -11.21
N TYR D 67 -21.64 32.32 -12.54
CA TYR D 67 -22.01 31.13 -13.30
C TYR D 67 -20.78 30.30 -13.67
N LEU D 68 -19.61 30.93 -13.79
CA LEU D 68 -18.39 30.23 -14.15
C LEU D 68 -17.25 30.75 -13.28
N ARG D 69 -16.10 30.09 -13.40
CA ARG D 69 -14.90 30.47 -12.68
C ARG D 69 -13.69 30.32 -13.59
N THR D 70 -12.86 31.36 -13.65
CA THR D 70 -11.62 31.29 -14.41
C THR D 70 -10.56 30.55 -13.61
N VAL D 71 -9.67 29.86 -14.32
CA VAL D 71 -8.68 28.99 -13.70
C VAL D 71 -7.30 29.34 -14.24
N SER D 72 -6.34 29.52 -13.33
CA SER D 72 -4.94 29.72 -13.66
C SER D 72 -4.72 30.84 -14.68
N VAL D 78 -3.00 30.10 -21.04
CA VAL D 78 -4.33 30.45 -21.52
C VAL D 78 -5.35 30.32 -20.41
N THR D 79 -6.17 31.35 -20.23
CA THR D 79 -7.21 31.31 -19.21
C THR D 79 -8.29 30.30 -19.59
N LYS D 80 -8.57 29.39 -18.66
CA LYS D 80 -9.60 28.38 -18.85
C LYS D 80 -10.77 28.65 -17.92
N TYR D 81 -11.93 28.09 -18.28
CA TYR D 81 -13.19 28.41 -17.60
C TYR D 81 -13.85 27.13 -17.13
N GLU D 82 -14.16 27.08 -15.83
CA GLU D 82 -14.97 26.00 -15.26
C GLU D 82 -16.37 26.52 -14.98
N GLN D 83 -17.34 25.62 -15.07
CA GLN D 83 -18.73 25.97 -14.81
C GLN D 83 -19.02 25.84 -13.33
N ARG D 84 -19.63 26.87 -12.76
CA ARG D 84 -20.18 26.83 -11.41
C ARG D 84 -21.70 26.89 -11.45
N PHE D 85 -22.29 26.51 -12.59
CA PHE D 85 -23.73 26.58 -12.78
C PHE D 85 -24.45 25.55 -11.93
N CYS D 86 -23.83 24.40 -11.68
CA CYS D 86 -24.45 23.36 -10.87
C CYS D 86 -23.37 22.46 -10.30
N ASN D 87 -23.67 21.86 -9.14
CA ASN D 87 -22.80 20.91 -8.47
C ASN D 87 -21.44 21.52 -8.14
N SER D 88 -21.49 22.62 -7.39
CA SER D 88 -20.30 23.30 -6.91
C SER D 88 -20.23 23.20 -5.38
N GLU D 89 -19.20 23.83 -4.82
CA GLU D 89 -19.08 23.85 -3.36
C GLU D 89 -20.13 24.76 -2.73
N PHE D 90 -20.47 25.85 -3.39
CA PHE D 90 -21.51 26.79 -2.92
C PHE D 90 -22.53 26.97 -4.03
N GLY D 91 -23.73 26.44 -3.82
CA GLY D 91 -24.78 26.56 -4.81
C GLY D 91 -25.99 25.71 -4.51
N ASP D 92 -27.17 26.33 -4.51
CA ASP D 92 -28.41 25.59 -4.29
C ASP D 92 -28.74 24.65 -5.43
N LEU D 93 -28.20 24.90 -6.62
CA LEU D 93 -28.51 24.09 -7.79
C LEU D 93 -27.63 22.84 -7.80
N LYS D 94 -28.26 21.67 -7.71
CA LYS D 94 -27.55 20.40 -7.79
C LYS D 94 -28.35 19.46 -8.67
N LEU D 95 -27.73 19.00 -9.76
CA LEU D 95 -28.38 18.18 -10.77
C LEU D 95 -27.70 16.83 -10.87
N SER D 96 -28.49 15.76 -10.98
CA SER D 96 -27.93 14.45 -11.21
C SER D 96 -27.36 14.36 -12.63
N ALA D 97 -26.66 13.25 -12.89
CA ALA D 97 -26.09 13.05 -14.23
C ALA D 97 -27.18 13.03 -15.29
N ALA D 98 -28.36 12.51 -14.95
CA ALA D 98 -29.48 12.55 -15.88
C ALA D 98 -30.04 13.97 -16.00
N GLU D 99 -30.11 14.70 -14.87
CA GLU D 99 -30.63 16.05 -14.91
C GLU D 99 -29.68 16.99 -15.67
N VAL D 100 -28.37 16.79 -15.53
CA VAL D 100 -27.42 17.60 -16.27
C VAL D 100 -27.54 17.32 -17.77
N ALA D 101 -27.70 16.05 -18.15
CA ALA D 101 -27.79 15.70 -19.56
C ALA D 101 -29.03 16.31 -20.21
N VAL D 102 -30.14 16.38 -19.46
CA VAL D 102 -31.36 16.95 -20.01
C VAL D 102 -31.28 18.47 -20.07
N ILE D 103 -30.80 19.09 -18.98
CA ILE D 103 -30.70 20.55 -18.94
C ILE D 103 -29.71 21.04 -20.00
N THR D 104 -28.60 20.31 -20.17
CA THR D 104 -27.61 20.69 -21.17
C THR D 104 -28.20 20.60 -22.58
N THR D 105 -28.99 19.57 -22.85
CA THR D 105 -29.59 19.41 -24.17
C THR D 105 -30.62 20.49 -24.43
N LEU D 106 -31.43 20.84 -23.42
CA LEU D 106 -32.41 21.91 -23.60
C LEU D 106 -31.73 23.27 -23.73
N LEU D 107 -30.61 23.47 -23.03
CA LEU D 107 -29.90 24.74 -23.15
C LEU D 107 -29.24 24.89 -24.51
N LEU D 108 -28.76 23.79 -25.09
CA LEU D 108 -27.99 23.86 -26.33
C LEU D 108 -28.84 23.76 -27.58
N ARG D 109 -30.02 23.14 -27.50
CA ARG D 109 -30.79 22.90 -28.72
C ARG D 109 -32.26 23.27 -28.60
N GLY D 110 -32.69 23.89 -27.52
CA GLY D 110 -34.03 24.45 -27.44
C GLY D 110 -35.06 23.48 -26.89
N ALA D 111 -36.32 23.80 -27.18
CA ALA D 111 -37.44 23.01 -26.69
C ALA D 111 -37.54 21.69 -27.47
N GLN D 112 -37.62 20.59 -26.73
CA GLN D 112 -37.57 19.26 -27.34
C GLN D 112 -38.62 18.35 -26.72
N THR D 113 -38.94 17.28 -27.44
CA THR D 113 -39.76 16.20 -26.93
C THR D 113 -38.89 15.21 -26.16
N PRO D 114 -39.48 14.47 -25.21
CA PRO D 114 -38.67 13.50 -24.45
C PRO D 114 -38.12 12.36 -25.31
N GLY D 115 -38.82 11.99 -26.39
CA GLY D 115 -38.32 10.93 -27.24
C GLY D 115 -37.01 11.29 -27.91
N GLU D 116 -36.92 12.50 -28.46
CA GLU D 116 -35.69 12.98 -29.06
C GLU D 116 -34.65 13.39 -28.02
N LEU D 117 -35.08 13.71 -26.80
CA LEU D 117 -34.12 14.01 -25.73
C LEU D 117 -33.24 12.80 -25.44
N ARG D 118 -33.84 11.62 -25.34
CA ARG D 118 -33.08 10.41 -25.05
C ARG D 118 -32.03 10.13 -26.12
N THR D 119 -32.33 10.47 -27.37
CA THR D 119 -31.39 10.22 -28.46
C THR D 119 -30.17 11.11 -28.36
N ARG D 120 -30.38 12.41 -28.12
CA ARG D 120 -29.28 13.37 -28.16
C ARG D 120 -28.61 13.59 -26.81
N ALA D 121 -29.32 13.35 -25.70
CA ALA D 121 -28.75 13.52 -24.37
C ALA D 121 -28.06 12.27 -23.86
N SER D 122 -28.09 11.18 -24.63
CA SER D 122 -27.44 9.95 -24.19
C SER D 122 -25.92 10.06 -24.21
N ARG D 123 -25.36 10.94 -25.05
CA ARG D 123 -23.91 11.10 -25.10
C ARG D 123 -23.34 11.64 -23.80
N MET D 124 -24.17 12.22 -22.95
CA MET D 124 -23.77 12.66 -21.62
C MET D 124 -24.27 11.75 -20.52
N HIS D 125 -25.42 11.12 -20.71
CA HIS D 125 -25.97 10.17 -19.74
C HIS D 125 -27.05 9.38 -20.47
N GLU D 126 -26.80 8.09 -20.70
CA GLU D 126 -27.77 7.25 -21.40
C GLU D 126 -28.91 6.87 -20.47
N PHE D 127 -30.09 6.98 -21.04
CA PHE D 127 -31.32 6.69 -20.37
C PHE D 127 -31.70 5.39 -21.00
N ALA D 128 -31.88 4.36 -20.17
CA ALA D 128 -32.23 3.02 -20.64
C ALA D 128 -33.57 2.93 -21.36
N ASP D 129 -34.57 3.59 -20.79
CA ASP D 129 -35.91 3.60 -21.36
C ASP D 129 -36.40 5.03 -21.29
N MET D 130 -37.28 5.44 -22.20
CA MET D 130 -37.72 6.83 -22.14
C MET D 130 -38.38 7.17 -20.81
N GLN D 131 -38.75 6.17 -20.00
CA GLN D 131 -39.38 6.44 -18.71
C GLN D 131 -38.45 7.26 -17.82
N GLU D 132 -37.15 7.02 -17.90
CA GLU D 132 -36.20 7.79 -17.11
C GLU D 132 -36.12 9.23 -17.59
N VAL D 133 -36.33 9.47 -18.89
CA VAL D 133 -36.31 10.83 -19.41
C VAL D 133 -37.48 11.63 -18.85
N GLU D 134 -38.66 11.00 -18.75
CA GLU D 134 -39.81 11.67 -18.17
C GLU D 134 -39.63 11.87 -16.67
N GLN D 135 -39.09 10.87 -15.97
CA GLN D 135 -38.84 11.01 -14.54
C GLN D 135 -37.92 12.19 -14.25
N THR D 136 -36.88 12.35 -15.07
CA THR D 136 -35.95 13.47 -14.91
C THR D 136 -36.63 14.78 -15.24
N LEU D 137 -37.44 14.82 -16.30
CA LEU D 137 -38.18 16.02 -16.64
C LEU D 137 -39.24 16.33 -15.57
N ASP D 138 -39.94 15.30 -15.10
CA ASP D 138 -40.92 15.50 -14.03
C ASP D 138 -40.25 15.94 -12.74
N GLY D 139 -39.04 15.43 -12.47
CA GLY D 139 -38.33 15.85 -11.28
C GLY D 139 -37.93 17.32 -11.31
N LEU D 140 -37.33 17.75 -12.42
CA LEU D 140 -36.88 19.12 -12.55
C LEU D 140 -38.04 20.12 -12.50
N ALA D 141 -39.26 19.68 -12.76
CA ALA D 141 -40.43 20.55 -12.69
C ALA D 141 -41.11 20.51 -11.33
N THR D 142 -40.89 19.47 -10.54
CA THR D 142 -41.52 19.33 -9.24
C THR D 142 -40.61 19.67 -8.07
N ARG D 143 -39.39 20.10 -8.35
CA ARG D 143 -38.47 20.48 -7.27
C ARG D 143 -39.03 21.67 -6.50
N GLU D 144 -38.83 21.67 -5.19
CA GLU D 144 -39.13 22.86 -4.42
C GLU D 144 -38.13 23.97 -4.72
N ASP D 145 -37.07 23.65 -5.45
CA ASP D 145 -36.05 24.63 -5.80
C ASP D 145 -36.45 25.42 -7.04
N GLY D 146 -37.57 25.04 -7.65
CA GLY D 146 -38.05 25.71 -8.85
C GLY D 146 -38.17 24.77 -10.03
N PRO D 147 -39.21 24.96 -10.85
CA PRO D 147 -39.45 24.13 -12.04
C PRO D 147 -38.48 24.46 -13.16
N TYR D 148 -37.21 24.12 -12.99
CA TYR D 148 -36.20 24.37 -13.99
C TYR D 148 -36.63 24.00 -15.41
N VAL D 149 -37.64 23.16 -15.57
CA VAL D 149 -38.23 22.88 -16.87
C VAL D 149 -39.72 23.17 -16.79
N VAL D 150 -40.35 23.28 -17.96
CA VAL D 150 -41.77 23.58 -18.05
C VAL D 150 -42.40 22.70 -19.12
N ARG D 151 -43.68 22.40 -18.94
CA ARG D 151 -44.43 21.59 -19.89
C ARG D 151 -45.14 22.50 -20.88
N LEU D 152 -44.92 22.26 -22.16
CA LEU D 152 -45.50 23.06 -23.23
C LEU D 152 -46.71 22.36 -23.83
N ALA D 153 -47.50 23.13 -24.59
CA ALA D 153 -48.68 22.60 -25.25
C ALA D 153 -48.33 21.89 -26.55
N SER D 161 -45.65 16.38 -26.89
CA SER D 161 -45.40 17.48 -25.96
C SER D 161 -43.91 17.80 -25.88
N ARG D 162 -43.59 19.08 -25.70
CA ARG D 162 -42.21 19.54 -25.65
C ARG D 162 -41.93 20.16 -24.28
N TYR D 163 -40.64 20.21 -23.94
CA TYR D 163 -40.17 20.77 -22.68
C TYR D 163 -39.11 21.82 -22.96
N MET D 164 -39.10 22.87 -22.15
CA MET D 164 -38.11 23.94 -22.27
C MET D 164 -37.63 24.35 -20.88
N HIS D 165 -36.39 24.79 -20.82
CA HIS D 165 -35.78 25.20 -19.57
C HIS D 165 -36.23 26.61 -19.17
N LEU D 166 -36.10 26.91 -17.88
CA LEU D 166 -36.44 28.23 -17.36
C LEU D 166 -35.29 29.21 -17.44
N PHE D 167 -34.04 28.72 -17.41
CA PHE D 167 -32.86 29.56 -17.19
C PHE D 167 -32.79 30.76 -18.12
N SER D 168 -33.49 30.71 -19.27
CA SER D 168 -33.58 31.86 -20.16
C SER D 168 -34.85 32.67 -19.97
N GLY D 169 -35.79 32.19 -19.16
CA GLY D 169 -37.05 32.89 -18.98
C GLY D 169 -38.24 31.95 -19.09
N GLU D 170 -39.37 32.47 -19.55
CA GLU D 170 -40.59 31.67 -19.68
C GLU D 170 -41.07 31.54 -21.12
N VAL D 171 -40.21 31.84 -22.09
CA VAL D 171 -40.49 31.75 -23.53
C VAL D 171 -41.93 32.10 -23.91
CL CL E . -10.31 -0.67 10.38
CL CL F . 37.13 -11.65 25.12
#